data_3BH2
#
_entry.id   3BH2
#
_cell.length_a   104.070
_cell.length_b   104.070
_cell.length_c   578.094
_cell.angle_alpha   90.00
_cell.angle_beta   90.00
_cell.angle_gamma   120.00
#
_symmetry.space_group_name_H-M   'H 3 2'
#
loop_
_entity.id
_entity.type
_entity.pdbx_description
1 polymer 'Acetoacetate decarboxylase'
2 water water
#
_entity_poly.entity_id   1
_entity_poly.type   'polypeptide(L)'
_entity_poly.pdbx_seq_one_letter_code
;MVKDEVIKQISTPLTSPAFPRGPYKFHNREYFNIVYRTDMDALRKVVPEPLEIDEPLVRFEIMAMHDTSGLGCYTESGQA
IPVSFNGVKGDYLHMMYLDNEPAIAVGRELSAYPKKLGYPKLFVDSDTLVGTLDYGKLRVATATMGYKHKALDANEAKDQ
ICRPNYMLKIIPNYDGSPRICELINAKITDVTVHEAWTGPTRLQLFDHAMAPLNDLPVKEIVSSSHILADIILPRAEVIY
DYLK
;
_entity_poly.pdbx_strand_id   A,B,C,D
#
# COMPACT_ATOMS: atom_id res chain seq x y z
N MET A 1 8.07 42.71 -10.35
CA MET A 1 6.79 42.58 -11.12
C MET A 1 5.75 43.64 -10.74
N VAL A 2 5.29 44.36 -11.77
CA VAL A 2 4.22 45.35 -11.65
C VAL A 2 2.91 44.70 -11.20
N LYS A 3 2.22 45.34 -10.25
CA LYS A 3 0.91 44.89 -9.75
C LYS A 3 0.00 44.34 -10.84
N ASP A 4 -0.09 45.06 -11.96
CA ASP A 4 -0.91 44.65 -13.10
C ASP A 4 -0.50 43.31 -13.71
N GLU A 5 0.81 43.05 -13.75
CA GLU A 5 1.34 41.77 -14.23
C GLU A 5 1.09 40.64 -13.22
N VAL A 6 1.26 40.95 -11.94
CA VAL A 6 0.98 40.01 -10.85
C VAL A 6 -0.42 39.41 -11.02
N ILE A 7 -1.38 40.28 -11.29
CA ILE A 7 -2.80 39.92 -11.38
C ILE A 7 -3.12 39.01 -12.57
N LYS A 8 -2.31 39.05 -13.61
CA LYS A 8 -2.57 38.21 -14.79
C LYS A 8 -1.82 36.85 -14.81
N GLN A 9 -1.12 36.53 -13.72
CA GLN A 9 -0.52 35.20 -13.55
C GLN A 9 -1.58 34.25 -13.01
N ILE A 10 -1.55 33.01 -13.45
CA ILE A 10 -2.58 32.05 -13.06
C ILE A 10 -2.32 31.46 -11.69
N SER A 11 -1.05 31.32 -11.32
CA SER A 11 -0.72 30.67 -10.07
C SER A 11 0.60 31.14 -9.52
N THR A 12 1.11 30.35 -8.58
CA THR A 12 2.36 30.61 -7.89
C THR A 12 3.11 29.25 -7.78
N PRO A 13 4.46 29.25 -7.74
CA PRO A 13 5.43 30.36 -7.72
C PRO A 13 5.20 31.39 -8.83
N LEU A 14 5.32 32.67 -8.49
CA LEU A 14 4.92 33.77 -9.39
C LEU A 14 5.58 33.71 -10.77
N THR A 15 6.90 33.54 -10.79
CA THR A 15 7.68 33.50 -12.03
C THR A 15 7.92 32.08 -12.56
N SER A 16 7.33 31.08 -11.90
CA SER A 16 7.42 29.67 -12.33
C SER A 16 6.19 28.90 -11.82
N PRO A 17 4.99 29.20 -12.36
CA PRO A 17 3.75 28.74 -11.76
C PRO A 17 3.60 27.22 -11.71
N ALA A 18 2.89 26.74 -10.69
CA ALA A 18 2.70 25.33 -10.45
C ALA A 18 2.20 24.61 -11.69
N PHE A 19 1.53 25.37 -12.55
CA PHE A 19 0.93 24.89 -13.80
C PHE A 19 0.75 26.06 -14.79
N PRO A 20 0.82 25.77 -16.10
CA PRO A 20 0.55 26.80 -17.09
C PRO A 20 -0.96 26.92 -17.40
N ARG A 21 -1.35 27.96 -18.13
CA ARG A 21 -2.71 28.10 -18.64
C ARG A 21 -3.01 27.04 -19.68
N GLY A 22 -4.29 26.74 -19.89
CA GLY A 22 -4.71 25.75 -20.88
C GLY A 22 -4.89 26.35 -22.26
N PRO A 23 -5.58 25.63 -23.16
CA PRO A 23 -6.23 24.35 -22.88
C PRO A 23 -5.22 23.22 -22.73
N TYR A 24 -5.59 22.19 -21.96
CA TYR A 24 -4.72 21.04 -21.77
C TYR A 24 -5.21 19.92 -22.68
N LYS A 25 -4.45 19.68 -23.74
CA LYS A 25 -4.83 18.70 -24.75
C LYS A 25 -4.21 17.35 -24.41
N PHE A 26 -5.09 16.38 -24.12
CA PHE A 26 -4.69 15.00 -23.81
C PHE A 26 -4.63 14.18 -25.09
N HIS A 27 -3.43 14.01 -25.62
CA HIS A 27 -3.21 13.18 -26.80
C HIS A 27 -2.97 11.74 -26.37
N ASN A 28 -3.74 10.84 -26.99
CA ASN A 28 -3.66 9.42 -26.72
C ASN A 28 -3.73 9.09 -25.22
N ARG A 29 -4.75 9.65 -24.56
CA ARG A 29 -5.06 9.27 -23.19
C ARG A 29 -5.56 7.82 -23.23
N GLU A 30 -4.98 6.97 -22.40
CA GLU A 30 -5.32 5.55 -22.40
C GLU A 30 -6.03 5.17 -21.10
N TYR A 31 -7.29 4.74 -21.24
CA TYR A 31 -8.17 4.39 -20.11
C TYR A 31 -8.20 2.90 -19.86
N PHE A 32 -8.29 2.54 -18.58
CA PHE A 32 -8.60 1.18 -18.16
C PHE A 32 -9.57 1.39 -17.02
N ASN A 33 -10.86 1.17 -17.31
CA ASN A 33 -11.93 1.32 -16.32
C ASN A 33 -12.44 -0.03 -15.88
N ILE A 34 -12.78 -0.12 -14.59
CA ILE A 34 -13.38 -1.32 -14.04
C ILE A 34 -14.53 -0.90 -13.13
N VAL A 35 -15.75 -1.16 -13.59
CA VAL A 35 -16.97 -0.98 -12.81
C VAL A 35 -17.20 -2.25 -12.00
N TYR A 36 -17.42 -2.10 -10.69
CA TYR A 36 -17.64 -3.26 -9.82
C TYR A 36 -18.65 -2.97 -8.71
N ARG A 37 -19.22 -4.03 -8.12
CA ARG A 37 -20.11 -3.92 -6.96
C ARG A 37 -19.32 -3.85 -5.66
N THR A 38 -19.74 -2.95 -4.78
CA THR A 38 -19.16 -2.86 -3.42
C THR A 38 -20.26 -2.97 -2.37
N ASP A 39 -19.89 -2.91 -1.10
CA ASP A 39 -20.85 -2.83 -0.01
C ASP A 39 -21.53 -1.45 0.00
N MET A 40 -22.87 -1.48 0.01
CA MET A 40 -23.68 -0.28 -0.07
C MET A 40 -23.48 0.68 1.10
N ASP A 41 -23.30 0.12 2.30
CA ASP A 41 -23.02 0.92 3.50
C ASP A 41 -21.73 1.73 3.42
N ALA A 42 -20.65 1.08 3.00
CA ALA A 42 -19.33 1.70 2.82
C ALA A 42 -19.38 2.83 1.80
N LEU A 43 -20.13 2.60 0.72
CA LEU A 43 -20.30 3.57 -0.35
C LEU A 43 -21.12 4.79 0.05
N ARG A 44 -22.15 4.58 0.86
CA ARG A 44 -22.96 5.70 1.38
C ARG A 44 -22.17 6.68 2.24
N LYS A 45 -21.31 6.16 3.11
CA LYS A 45 -20.43 6.98 3.96
C LYS A 45 -19.59 7.94 3.14
N VAL A 46 -19.19 7.47 1.96
CA VAL A 46 -18.20 8.09 1.09
C VAL A 46 -18.81 9.18 0.18
N VAL A 47 -20.04 8.95 -0.29
CA VAL A 47 -20.70 9.85 -1.23
C VAL A 47 -21.34 11.04 -0.51
N PRO A 48 -20.96 12.27 -0.91
CA PRO A 48 -21.51 13.49 -0.31
C PRO A 48 -22.92 13.82 -0.81
N GLU A 49 -23.77 14.30 0.09
CA GLU A 49 -25.05 14.93 -0.26
C GLU A 49 -24.74 16.23 -0.99
N PRO A 50 -25.53 16.59 -2.02
CA PRO A 50 -26.80 16.01 -2.46
C PRO A 50 -26.75 14.88 -3.51
N LEU A 51 -25.58 14.28 -3.74
CA LEU A 51 -25.47 13.22 -4.76
C LEU A 51 -26.10 11.92 -4.27
N GLU A 52 -26.80 11.24 -5.18
CA GLU A 52 -27.58 10.05 -4.84
C GLU A 52 -27.06 8.78 -5.50
N ILE A 53 -27.15 7.68 -4.78
CA ILE A 53 -26.69 6.36 -5.24
C ILE A 53 -27.90 5.47 -5.52
N ASP A 54 -27.85 4.76 -6.64
CA ASP A 54 -28.83 3.71 -6.91
C ASP A 54 -28.26 2.35 -6.52
N GLU A 55 -27.37 1.83 -7.35
CA GLU A 55 -26.72 0.55 -7.11
C GLU A 55 -25.34 0.77 -6.48
N PRO A 56 -24.82 -0.23 -5.73
CA PRO A 56 -23.53 -0.02 -5.08
C PRO A 56 -22.36 -0.20 -6.06
N LEU A 57 -22.17 0.78 -6.94
CA LEU A 57 -21.17 0.71 -8.00
C LEU A 57 -19.98 1.63 -7.79
N VAL A 58 -18.80 1.14 -8.18
CA VAL A 58 -17.57 1.92 -8.18
C VAL A 58 -16.87 1.74 -9.54
N ARG A 59 -16.42 2.85 -10.12
CA ARG A 59 -15.54 2.79 -11.28
C ARG A 59 -14.07 2.98 -10.88
N PHE A 60 -13.33 1.87 -10.80
CA PHE A 60 -11.88 1.97 -10.71
C PHE A 60 -11.29 2.38 -12.06
N GLU A 61 -10.34 3.30 -12.01
CA GLU A 61 -9.68 3.81 -13.19
C GLU A 61 -8.17 3.76 -13.07
N ILE A 62 -7.51 3.50 -14.19
CA ILE A 62 -6.10 3.81 -14.35
C ILE A 62 -5.94 4.37 -15.75
N MET A 63 -5.31 5.54 -15.81
CA MET A 63 -5.21 6.32 -17.01
C MET A 63 -3.77 6.71 -17.26
N ALA A 64 -3.25 6.31 -18.42
CA ALA A 64 -1.93 6.70 -18.90
C ALA A 64 -2.05 7.93 -19.79
N MET A 65 -1.43 9.02 -19.35
CA MET A 65 -1.41 10.26 -20.10
C MET A 65 -0.13 10.36 -20.92
N HIS A 66 -0.15 9.75 -22.10
CA HIS A 66 1.04 9.61 -22.93
C HIS A 66 1.62 10.94 -23.40
N ASP A 67 0.77 11.95 -23.55
CA ASP A 67 1.16 13.21 -24.17
C ASP A 67 0.10 14.27 -23.86
N THR A 68 0.33 15.01 -22.79
CA THR A 68 -0.61 16.03 -22.31
C THR A 68 0.04 17.41 -22.32
N SER A 69 -0.44 18.26 -23.21
CA SER A 69 0.14 19.58 -23.40
C SER A 69 0.06 20.42 -22.12
N GLY A 70 1.21 20.95 -21.70
CA GLY A 70 1.31 21.74 -20.48
C GLY A 70 1.71 20.93 -19.25
N LEU A 71 1.27 19.67 -19.21
CA LEU A 71 1.45 18.84 -18.01
C LEU A 71 2.58 17.80 -18.18
N GLY A 72 2.53 17.09 -19.29
CA GLY A 72 3.59 16.15 -19.64
C GLY A 72 3.13 14.73 -19.83
N CYS A 73 3.98 13.80 -19.45
N CYS A 73 3.99 13.81 -19.46
CA CYS A 73 3.70 12.37 -19.57
CA CYS A 73 3.73 12.38 -19.57
C CYS A 73 3.65 11.74 -18.19
C CYS A 73 3.64 11.76 -18.17
N TYR A 74 2.49 11.16 -17.86
CA TYR A 74 2.25 10.63 -16.51
C TYR A 74 1.09 9.65 -16.47
N THR A 75 0.83 9.13 -15.28
CA THR A 75 -0.20 8.13 -15.11
C THR A 75 -1.02 8.49 -13.88
N GLU A 76 -2.30 8.16 -13.93
CA GLU A 76 -3.23 8.45 -12.86
C GLU A 76 -4.06 7.20 -12.54
N SER A 77 -4.34 6.98 -11.25
CA SER A 77 -5.26 5.92 -10.85
C SER A 77 -6.19 6.34 -9.70
N GLY A 78 -7.40 5.79 -9.68
CA GLY A 78 -8.32 6.08 -8.59
C GLY A 78 -9.71 5.51 -8.73
N GLN A 79 -10.65 6.13 -8.03
CA GLN A 79 -12.04 5.69 -8.02
C GLN A 79 -13.01 6.82 -8.33
N ALA A 80 -13.94 6.55 -9.24
CA ALA A 80 -15.08 7.42 -9.48
C ALA A 80 -16.34 6.65 -9.08
N ILE A 81 -17.39 7.35 -8.69
CA ILE A 81 -18.60 6.68 -8.23
C ILE A 81 -19.83 7.14 -9.03
N PRO A 82 -20.46 6.21 -9.78
CA PRO A 82 -21.71 6.53 -10.46
C PRO A 82 -22.77 7.03 -9.48
N VAL A 83 -23.24 8.25 -9.73
CA VAL A 83 -24.24 8.89 -8.90
C VAL A 83 -25.21 9.64 -9.81
N SER A 84 -26.18 10.34 -9.21
CA SER A 84 -26.97 11.34 -9.93
C SER A 84 -27.06 12.63 -9.11
N PHE A 85 -27.08 13.78 -9.79
CA PHE A 85 -27.33 15.07 -9.16
C PHE A 85 -28.64 15.63 -9.71
N ASN A 86 -29.65 15.71 -8.85
CA ASN A 86 -30.99 16.14 -9.25
C ASN A 86 -31.37 15.52 -10.58
N GLY A 87 -31.38 14.18 -10.63
CA GLY A 87 -31.84 13.45 -11.81
C GLY A 87 -30.89 13.33 -13.00
N VAL A 88 -29.68 13.87 -12.87
CA VAL A 88 -28.67 13.80 -13.94
C VAL A 88 -27.52 12.90 -13.53
N LYS A 89 -27.47 11.71 -14.14
CA LYS A 89 -26.42 10.73 -13.84
C LYS A 89 -25.03 11.24 -14.22
N GLY A 90 -24.06 10.98 -13.35
CA GLY A 90 -22.65 11.33 -13.59
C GLY A 90 -21.74 10.51 -12.69
N ASP A 91 -20.43 10.75 -12.78
CA ASP A 91 -19.46 10.07 -11.90
C ASP A 91 -18.97 11.04 -10.84
N TYR A 92 -19.16 10.68 -9.57
CA TYR A 92 -18.55 11.43 -8.48
C TYR A 92 -17.07 11.06 -8.37
N LEU A 93 -16.21 12.06 -8.43
CA LEU A 93 -14.77 11.83 -8.26
C LEU A 93 -14.37 11.73 -6.77
N HIS A 94 -14.09 10.50 -6.38
CA HIS A 94 -13.82 10.08 -5.00
C HIS A 94 -12.36 10.36 -4.56
N MET A 95 -11.40 9.85 -5.32
CA MET A 95 -9.98 10.00 -5.01
C MET A 95 -9.12 9.59 -6.21
N MET A 96 -8.09 10.39 -6.48
N MET A 96 -8.14 10.42 -6.54
CA MET A 96 -7.22 10.16 -7.62
CA MET A 96 -7.25 10.13 -7.67
C MET A 96 -5.76 10.29 -7.21
C MET A 96 -5.78 10.29 -7.24
N TYR A 97 -4.90 9.50 -7.85
CA TYR A 97 -3.48 9.46 -7.50
C TYR A 97 -2.62 9.53 -8.75
N LEU A 98 -1.65 10.42 -8.77
CA LEU A 98 -0.82 10.68 -9.95
C LEU A 98 0.62 10.94 -9.54
N ASP A 99 1.52 10.76 -10.51
CA ASP A 99 2.95 11.01 -10.35
C ASP A 99 3.42 12.26 -11.13
N ASN A 100 2.59 13.30 -11.16
CA ASN A 100 2.94 14.57 -11.82
C ASN A 100 2.34 15.75 -11.02
N GLU A 101 3.20 16.59 -10.46
CA GLU A 101 2.76 17.67 -9.59
C GLU A 101 2.01 18.84 -10.26
N PRO A 102 2.52 19.35 -11.42
CA PRO A 102 1.72 20.27 -12.23
C PRO A 102 0.29 19.78 -12.49
N ALA A 103 0.14 18.47 -12.71
CA ALA A 103 -1.18 17.86 -12.97
C ALA A 103 -2.05 17.79 -11.71
N ILE A 104 -1.43 17.49 -10.56
CA ILE A 104 -2.13 17.56 -9.28
C ILE A 104 -2.59 19.00 -8.96
N ALA A 105 -1.67 19.95 -9.12
CA ALA A 105 -1.93 21.36 -8.82
C ALA A 105 -3.05 21.95 -9.70
N VAL A 106 -2.92 21.84 -11.02
CA VAL A 106 -3.98 22.31 -11.92
C VAL A 106 -5.32 21.62 -11.62
N GLY A 107 -5.26 20.30 -11.40
CA GLY A 107 -6.43 19.48 -11.09
C GLY A 107 -7.15 19.92 -9.84
N ARG A 108 -6.37 20.29 -8.81
CA ARG A 108 -6.91 20.69 -7.52
C ARG A 108 -7.32 22.17 -7.49
N GLU A 109 -6.57 23.02 -8.20
CA GLU A 109 -6.68 24.48 -8.07
C GLU A 109 -7.41 25.23 -9.19
N LEU A 110 -7.34 24.71 -10.42
CA LEU A 110 -8.11 25.27 -11.54
C LEU A 110 -9.50 24.64 -11.55
N SER A 111 -9.54 23.30 -11.42
CA SER A 111 -10.78 22.56 -11.33
C SER A 111 -10.95 22.10 -9.88
N ALA A 112 -11.47 20.90 -9.65
CA ALA A 112 -11.67 20.40 -8.27
C ALA A 112 -11.47 18.87 -8.13
N TYR A 113 -10.48 18.34 -8.84
CA TYR A 113 -10.17 16.92 -8.81
C TYR A 113 -9.56 16.55 -7.46
N PRO A 114 -9.99 15.40 -6.90
CA PRO A 114 -9.51 14.93 -5.60
C PRO A 114 -8.13 14.27 -5.67
N LYS A 115 -7.13 15.05 -6.04
CA LYS A 115 -5.83 14.48 -6.40
C LYS A 115 -4.83 14.39 -5.25
N LYS A 116 -4.18 13.23 -5.17
CA LYS A 116 -3.06 13.00 -4.25
C LYS A 116 -1.86 12.48 -5.06
N LEU A 117 -0.70 12.38 -4.41
CA LEU A 117 0.48 11.81 -5.05
C LEU A 117 0.45 10.27 -4.98
N GLY A 118 0.83 9.62 -6.07
CA GLY A 118 0.80 8.17 -6.17
C GLY A 118 1.57 7.70 -7.38
N TYR A 119 1.78 6.38 -7.49
CA TYR A 119 2.61 5.82 -8.58
C TYR A 119 1.93 4.71 -9.36
N PRO A 120 1.09 5.09 -10.35
CA PRO A 120 0.45 4.13 -11.23
C PRO A 120 1.30 3.79 -12.45
N LYS A 121 1.06 2.59 -12.99
CA LYS A 121 1.73 2.12 -14.20
C LYS A 121 0.70 1.37 -15.02
N LEU A 122 0.66 1.65 -16.31
CA LEU A 122 -0.18 0.89 -17.25
C LEU A 122 0.74 0.24 -18.27
N PHE A 123 0.65 -1.08 -18.40
CA PHE A 123 1.53 -1.84 -19.30
C PHE A 123 0.93 -3.19 -19.70
N VAL A 124 1.36 -3.70 -20.86
CA VAL A 124 0.96 -5.03 -21.31
C VAL A 124 1.94 -6.08 -20.79
N ASP A 125 1.44 -7.01 -19.99
CA ASP A 125 2.24 -8.12 -19.51
C ASP A 125 1.97 -9.30 -20.45
N SER A 126 2.63 -9.27 -21.60
CA SER A 126 2.45 -10.28 -22.67
C SER A 126 0.98 -10.36 -23.15
N ASP A 127 0.16 -11.12 -22.43
CA ASP A 127 -1.23 -11.39 -22.85
C ASP A 127 -2.26 -10.65 -21.99
N THR A 128 -1.78 -9.82 -21.07
CA THR A 128 -2.65 -9.14 -20.10
C THR A 128 -2.33 -7.64 -19.98
N LEU A 129 -3.39 -6.82 -20.03
CA LEU A 129 -3.28 -5.41 -19.69
C LEU A 129 -3.23 -5.28 -18.15
N VAL A 130 -2.20 -4.59 -17.64
CA VAL A 130 -1.98 -4.48 -16.20
C VAL A 130 -1.95 -3.01 -15.80
N GLY A 131 -2.76 -2.66 -14.82
CA GLY A 131 -2.67 -1.37 -14.17
C GLY A 131 -2.34 -1.57 -12.71
N THR A 132 -1.32 -0.87 -12.22
CA THR A 132 -1.00 -0.93 -10.80
C THR A 132 -0.98 0.47 -10.18
N LEU A 133 -1.25 0.53 -8.88
CA LEU A 133 -1.14 1.77 -8.14
C LEU A 133 -0.38 1.50 -6.85
N ASP A 134 0.59 2.35 -6.57
CA ASP A 134 1.30 2.33 -5.30
C ASP A 134 1.06 3.65 -4.62
N TYR A 135 0.93 3.63 -3.30
CA TYR A 135 1.04 4.83 -2.52
C TYR A 135 2.37 4.75 -1.77
N GLY A 136 3.22 5.73 -2.02
CA GLY A 136 4.62 5.66 -1.60
C GLY A 136 5.20 4.36 -2.10
N LYS A 137 5.74 3.58 -1.17
CA LYS A 137 6.38 2.30 -1.49
C LYS A 137 5.43 1.09 -1.44
N LEU A 138 4.14 1.33 -1.22
CA LEU A 138 3.21 0.23 -1.01
C LEU A 138 2.19 0.08 -2.14
N ARG A 139 2.01 -1.17 -2.59
CA ARG A 139 1.01 -1.54 -3.59
C ARG A 139 -0.40 -1.46 -3.01
N VAL A 140 -1.30 -0.76 -3.72
CA VAL A 140 -2.70 -0.66 -3.28
C VAL A 140 -3.71 -1.24 -4.28
N ALA A 141 -3.34 -1.28 -5.55
CA ALA A 141 -4.24 -1.76 -6.59
C ALA A 141 -3.49 -2.54 -7.67
N THR A 142 -4.04 -3.69 -8.05
CA THR A 142 -3.56 -4.44 -9.22
C THR A 142 -4.73 -4.86 -10.13
N ALA A 143 -4.77 -4.27 -11.31
CA ALA A 143 -5.87 -4.47 -12.26
C ALA A 143 -5.36 -5.20 -13.49
N THR A 144 -6.15 -6.18 -13.93
CA THR A 144 -5.80 -7.02 -15.07
C THR A 144 -6.99 -7.15 -16.00
N MET A 145 -6.68 -7.21 -17.29
CA MET A 145 -7.65 -7.50 -18.32
C MET A 145 -7.00 -8.35 -19.41
N GLY A 146 -7.69 -9.43 -19.80
CA GLY A 146 -7.34 -10.16 -21.01
C GLY A 146 -7.22 -9.16 -22.14
N TYR A 147 -6.08 -9.16 -22.82
CA TYR A 147 -5.73 -8.06 -23.75
C TYR A 147 -6.67 -7.96 -24.96
N LYS A 148 -7.45 -6.87 -25.02
CA LYS A 148 -8.34 -6.56 -26.15
C LYS A 148 -9.15 -7.75 -26.67
N HIS A 149 -9.68 -8.54 -25.76
CA HIS A 149 -10.45 -9.75 -26.09
C HIS A 149 -11.74 -9.49 -26.87
N LYS A 150 -12.35 -8.32 -26.71
CA LYS A 150 -13.64 -8.03 -27.34
C LYS A 150 -13.77 -6.54 -27.67
N ALA A 151 -14.31 -6.23 -28.84
CA ALA A 151 -14.42 -4.87 -29.36
C ALA A 151 -15.64 -4.13 -28.77
N LEU A 152 -15.41 -2.93 -28.26
CA LEU A 152 -16.49 -2.08 -27.80
C LEU A 152 -16.80 -1.02 -28.83
N ASP A 153 -18.09 -0.68 -28.93
CA ASP A 153 -18.54 0.41 -29.78
C ASP A 153 -17.82 1.69 -29.38
N ALA A 154 -17.21 2.36 -30.37
CA ALA A 154 -16.51 3.64 -30.17
C ALA A 154 -17.40 4.75 -29.63
N ASN A 155 -18.66 4.79 -30.09
CA ASN A 155 -19.62 5.80 -29.65
C ASN A 155 -20.05 5.63 -28.20
N GLU A 156 -20.32 4.37 -27.83
CA GLU A 156 -20.64 3.98 -26.47
C GLU A 156 -19.47 4.26 -25.50
N ALA A 157 -18.24 4.05 -25.97
CA ALA A 157 -17.06 4.44 -25.23
C ALA A 157 -16.97 5.96 -25.08
N LYS A 158 -17.29 6.68 -26.17
CA LYS A 158 -17.31 8.14 -26.15
C LYS A 158 -18.35 8.68 -25.17
N ASP A 159 -19.51 8.03 -25.12
CA ASP A 159 -20.60 8.42 -24.21
C ASP A 159 -20.15 8.27 -22.76
N GLN A 160 -19.38 7.23 -22.49
CA GLN A 160 -18.85 7.00 -21.15
C GLN A 160 -17.83 8.05 -20.76
N ILE A 161 -16.94 8.42 -21.69
CA ILE A 161 -15.94 9.46 -21.45
C ILE A 161 -16.61 10.80 -21.17
N CYS A 162 -17.76 11.01 -21.80
CA CYS A 162 -18.45 12.30 -21.73
C CYS A 162 -19.49 12.42 -20.63
N ARG A 163 -19.59 11.40 -19.78
CA ARG A 163 -20.47 11.46 -18.60
C ARG A 163 -20.03 12.62 -17.71
N PRO A 164 -20.99 13.39 -17.18
CA PRO A 164 -20.61 14.45 -16.26
C PRO A 164 -19.74 13.92 -15.11
N ASN A 165 -18.71 14.68 -14.76
CA ASN A 165 -17.88 14.42 -13.57
C ASN A 165 -18.24 15.41 -12.48
N TYR A 166 -18.66 14.90 -11.33
CA TYR A 166 -19.01 15.72 -10.17
C TYR A 166 -17.87 15.76 -9.15
N MET A 167 -17.48 16.97 -8.76
CA MET A 167 -16.31 17.18 -7.92
C MET A 167 -16.59 18.13 -6.78
N LEU A 168 -15.95 17.89 -5.64
CA LEU A 168 -16.01 18.82 -4.50
C LEU A 168 -14.82 19.77 -4.50
N LYS A 169 -15.12 21.06 -4.46
CA LYS A 169 -14.08 22.09 -4.31
C LYS A 169 -14.15 22.61 -2.90
N ILE A 170 -13.13 22.29 -2.11
CA ILE A 170 -13.08 22.56 -0.68
C ILE A 170 -11.77 23.26 -0.34
N ILE A 171 -11.84 24.57 -0.17
CA ILE A 171 -10.68 25.37 0.24
C ILE A 171 -10.96 26.03 1.58
N PRO A 172 -10.05 25.86 2.55
CA PRO A 172 -10.21 26.57 3.82
C PRO A 172 -9.75 28.03 3.78
N ASN A 173 -10.31 28.83 4.68
CA ASN A 173 -9.74 30.11 5.07
C ASN A 173 -8.43 29.87 5.83
N TYR A 174 -7.68 30.95 6.07
CA TYR A 174 -6.39 30.86 6.79
C TYR A 174 -6.48 30.34 8.23
N ASP A 175 -7.65 30.49 8.85
CA ASP A 175 -7.88 29.98 10.20
C ASP A 175 -8.44 28.54 10.22
N GLY A 176 -8.64 27.97 9.03
CA GLY A 176 -9.14 26.60 8.89
C GLY A 176 -10.65 26.49 8.80
N SER A 177 -11.32 27.64 8.74
CA SER A 177 -12.77 27.69 8.58
C SER A 177 -13.11 27.52 7.09
N PRO A 178 -14.33 27.05 6.77
CA PRO A 178 -14.74 26.90 5.37
C PRO A 178 -14.69 28.21 4.59
N ARG A 179 -13.99 28.22 3.46
CA ARG A 179 -13.89 29.40 2.62
C ARG A 179 -14.65 29.17 1.33
N ILE A 180 -14.35 28.05 0.68
CA ILE A 180 -15.06 27.59 -0.50
C ILE A 180 -15.48 26.15 -0.26
N CYS A 181 -16.76 25.86 -0.49
CA CYS A 181 -17.27 24.49 -0.39
C CYS A 181 -18.38 24.24 -1.43
N GLU A 182 -17.97 23.77 -2.60
CA GLU A 182 -18.89 23.66 -3.73
C GLU A 182 -18.83 22.31 -4.40
N LEU A 183 -19.99 21.87 -4.87
CA LEU A 183 -20.06 20.79 -5.83
C LEU A 183 -19.99 21.44 -7.21
N ILE A 184 -19.03 21.00 -8.01
CA ILE A 184 -18.91 21.47 -9.39
C ILE A 184 -19.19 20.35 -10.40
N ASN A 185 -19.40 20.74 -11.65
CA ASN A 185 -19.52 19.80 -12.77
C ASN A 185 -18.55 20.14 -13.90
N ALA A 186 -17.79 19.14 -14.34
CA ALA A 186 -17.02 19.21 -15.59
C ALA A 186 -17.43 18.07 -16.53
N LYS A 187 -17.55 18.38 -17.81
CA LYS A 187 -18.09 17.46 -18.81
C LYS A 187 -17.27 17.58 -20.09
N ILE A 188 -16.68 16.45 -20.52
CA ILE A 188 -15.82 16.45 -21.71
C ILE A 188 -16.61 16.70 -23.00
N THR A 189 -16.13 17.68 -23.77
CA THR A 189 -16.81 18.13 -24.98
C THR A 189 -16.04 17.78 -26.27
N ASP A 190 -14.73 18.00 -26.26
CA ASP A 190 -13.87 17.62 -27.39
C ASP A 190 -13.30 16.23 -27.17
N VAL A 191 -13.69 15.30 -28.03
CA VAL A 191 -13.28 13.90 -27.94
C VAL A 191 -13.08 13.31 -29.32
N THR A 192 -12.05 12.48 -29.45
CA THR A 192 -11.96 11.50 -30.52
C THR A 192 -11.58 10.16 -29.89
N VAL A 193 -12.49 9.20 -29.92
CA VAL A 193 -12.19 7.83 -29.48
C VAL A 193 -11.53 7.07 -30.63
N HIS A 194 -10.29 6.62 -30.40
CA HIS A 194 -9.50 5.90 -31.40
C HIS A 194 -9.81 4.42 -31.42
N GLU A 195 -10.03 3.86 -30.24
CA GLU A 195 -10.40 2.44 -30.10
C GLU A 195 -10.87 2.15 -28.70
N ALA A 196 -11.73 1.12 -28.58
CA ALA A 196 -12.29 0.73 -27.31
C ALA A 196 -12.48 -0.80 -27.25
N TRP A 197 -12.13 -1.40 -26.12
CA TRP A 197 -12.09 -2.85 -25.96
C TRP A 197 -12.56 -3.27 -24.58
N THR A 198 -13.01 -4.51 -24.47
CA THR A 198 -13.26 -5.15 -23.18
C THR A 198 -12.65 -6.54 -23.12
N GLY A 199 -12.92 -7.27 -22.05
CA GLY A 199 -12.37 -8.61 -21.86
C GLY A 199 -12.48 -8.99 -20.40
N PRO A 200 -12.10 -10.24 -20.06
CA PRO A 200 -12.14 -10.67 -18.67
C PRO A 200 -11.30 -9.74 -17.81
N THR A 201 -11.79 -9.40 -16.63
CA THR A 201 -11.27 -8.30 -15.83
C THR A 201 -11.38 -8.59 -14.34
N ARG A 202 -10.28 -8.32 -13.64
CA ARG A 202 -10.17 -8.51 -12.21
C ARG A 202 -9.54 -7.28 -11.57
N LEU A 203 -9.88 -7.03 -10.31
CA LEU A 203 -9.29 -5.95 -9.55
C LEU A 203 -8.93 -6.44 -8.18
N GLN A 204 -7.64 -6.39 -7.86
CA GLN A 204 -7.14 -6.73 -6.53
C GLN A 204 -6.74 -5.46 -5.79
N LEU A 205 -7.29 -5.30 -4.59
CA LEU A 205 -7.00 -4.11 -3.78
C LEU A 205 -6.36 -4.50 -2.45
N PHE A 206 -5.56 -3.57 -1.92
CA PHE A 206 -4.96 -3.72 -0.59
C PHE A 206 -5.22 -2.49 0.28
N ASP A 207 -5.36 -2.70 1.59
CA ASP A 207 -5.63 -1.61 2.53
C ASP A 207 -4.44 -0.66 2.70
N HIS A 208 -4.70 0.64 2.62
CA HIS A 208 -3.72 1.67 2.93
C HIS A 208 -4.42 2.90 3.50
N ALA A 209 -4.06 3.31 4.72
CA ALA A 209 -4.69 4.48 5.39
C ALA A 209 -4.72 5.78 4.58
N MET A 210 -3.72 6.00 3.73
CA MET A 210 -3.63 7.26 2.98
C MET A 210 -4.08 7.14 1.52
N ALA A 211 -4.32 5.90 1.08
CA ALA A 211 -4.90 5.61 -0.22
C ALA A 211 -5.93 4.49 -0.05
N PRO A 212 -7.03 4.76 0.69
CA PRO A 212 -7.94 3.72 1.13
C PRO A 212 -9.01 3.28 0.13
N LEU A 213 -8.56 2.91 -1.08
CA LEU A 213 -9.45 2.37 -2.12
C LEU A 213 -10.24 1.15 -1.65
N ASN A 214 -9.64 0.34 -0.77
CA ASN A 214 -10.23 -0.91 -0.32
C ASN A 214 -11.32 -0.74 0.73
N ASP A 215 -11.61 0.52 1.08
CA ASP A 215 -12.77 0.84 1.89
C ASP A 215 -14.03 0.62 1.07
N LEU A 216 -13.87 0.64 -0.25
CA LEU A 216 -14.90 0.21 -1.19
C LEU A 216 -14.51 -1.12 -1.83
N PRO A 217 -14.60 -2.22 -1.06
CA PRO A 217 -14.06 -3.52 -1.50
C PRO A 217 -14.77 -4.12 -2.72
N VAL A 218 -14.02 -4.87 -3.52
CA VAL A 218 -14.54 -5.54 -4.72
C VAL A 218 -15.34 -6.77 -4.34
N LYS A 219 -16.65 -6.71 -4.58
CA LYS A 219 -17.53 -7.85 -4.32
C LYS A 219 -17.83 -8.61 -5.61
N GLU A 220 -18.02 -7.88 -6.70
CA GLU A 220 -18.26 -8.48 -8.01
C GLU A 220 -17.80 -7.54 -9.11
N ILE A 221 -17.20 -8.08 -10.16
CA ILE A 221 -16.84 -7.28 -11.34
C ILE A 221 -18.05 -7.19 -12.28
N VAL A 222 -18.43 -5.96 -12.62
CA VAL A 222 -19.62 -5.76 -13.44
C VAL A 222 -19.32 -5.53 -14.93
N SER A 223 -18.39 -4.61 -15.21
CA SER A 223 -18.03 -4.30 -16.58
C SER A 223 -16.62 -3.71 -16.60
N SER A 224 -16.11 -3.50 -17.81
CA SER A 224 -14.77 -2.96 -18.01
C SER A 224 -14.59 -2.45 -19.44
N SER A 225 -13.70 -1.47 -19.60
CA SER A 225 -13.36 -0.96 -20.91
C SER A 225 -11.90 -0.51 -20.97
N HIS A 226 -11.30 -0.69 -22.15
CA HIS A 226 -9.94 -0.23 -22.45
C HIS A 226 -10.05 0.69 -23.66
N ILE A 227 -9.77 1.98 -23.46
CA ILE A 227 -10.08 3.00 -24.46
C ILE A 227 -8.88 3.91 -24.68
N LEU A 228 -8.51 4.14 -25.94
CA LEU A 228 -7.66 5.30 -26.23
C LEU A 228 -8.38 6.39 -26.98
N ALA A 229 -8.10 7.63 -26.57
CA ALA A 229 -8.85 8.78 -27.03
C ALA A 229 -8.00 10.03 -26.97
N ASP A 230 -8.42 11.04 -27.73
CA ASP A 230 -7.91 12.40 -27.55
C ASP A 230 -9.03 13.23 -26.90
N ILE A 231 -8.71 13.93 -25.82
CA ILE A 231 -9.67 14.87 -25.21
C ILE A 231 -9.00 16.19 -24.77
N ILE A 232 -9.84 17.21 -24.59
CA ILE A 232 -9.41 18.46 -23.95
C ILE A 232 -10.02 18.47 -22.54
N LEU A 233 -9.20 18.82 -21.54
CA LEU A 233 -9.69 18.98 -20.16
C LEU A 233 -10.87 19.95 -20.12
N PRO A 234 -12.02 19.51 -19.61
CA PRO A 234 -13.22 20.33 -19.53
C PRO A 234 -13.14 21.47 -18.52
N ARG A 235 -13.81 22.57 -18.82
CA ARG A 235 -14.01 23.67 -17.89
C ARG A 235 -15.09 23.27 -16.86
N ALA A 236 -14.82 23.55 -15.59
CA ALA A 236 -15.73 23.22 -14.50
C ALA A 236 -16.78 24.33 -14.25
N GLU A 237 -17.91 23.94 -13.66
CA GLU A 237 -19.00 24.87 -13.31
C GLU A 237 -19.61 24.47 -11.98
N VAL A 238 -19.81 25.45 -11.10
CA VAL A 238 -20.47 25.20 -9.81
C VAL A 238 -21.94 24.82 -10.01
N ILE A 239 -22.37 23.75 -9.37
CA ILE A 239 -23.76 23.30 -9.43
C ILE A 239 -24.46 23.30 -8.06
N TYR A 240 -23.68 23.40 -6.99
CA TYR A 240 -24.21 23.37 -5.63
C TYR A 240 -23.24 24.03 -4.66
N ASP A 241 -23.64 25.16 -4.07
CA ASP A 241 -22.82 25.83 -3.07
C ASP A 241 -23.29 25.45 -1.66
N TYR A 242 -22.38 24.86 -0.89
CA TYR A 242 -22.69 24.37 0.46
C TYR A 242 -22.78 25.48 1.50
N LEU A 243 -22.33 26.68 1.15
CA LEU A 243 -22.22 27.77 2.11
C LEU A 243 -23.21 28.92 1.87
N LYS A 244 -23.98 28.83 0.79
CA LYS A 244 -25.01 29.82 0.46
C LYS A 244 -26.25 29.61 1.32
N MET B 1 33.39 -25.28 35.23
CA MET B 1 33.18 -24.51 36.49
C MET B 1 32.63 -25.41 37.60
N VAL B 2 32.81 -24.97 38.85
CA VAL B 2 32.38 -25.72 40.03
C VAL B 2 30.86 -25.64 40.22
N LYS B 3 30.28 -26.68 40.80
CA LYS B 3 28.83 -26.78 41.03
C LYS B 3 28.16 -25.51 41.57
N ASP B 4 28.75 -24.88 42.58
CA ASP B 4 28.18 -23.66 43.18
C ASP B 4 28.15 -22.47 42.24
N GLU B 5 28.97 -22.50 41.18
CA GLU B 5 28.96 -21.46 40.14
C GLU B 5 27.95 -21.73 39.02
N VAL B 6 27.74 -23.00 38.67
CA VAL B 6 26.80 -23.33 37.61
C VAL B 6 25.37 -22.98 38.04
N ILE B 7 25.14 -23.04 39.35
CA ILE B 7 23.84 -22.76 39.96
C ILE B 7 23.45 -21.28 39.89
N LYS B 8 24.46 -20.40 39.80
CA LYS B 8 24.27 -18.95 39.67
C LYS B 8 24.06 -18.49 38.22
N GLN B 9 24.08 -19.44 37.27
CA GLN B 9 23.86 -19.12 35.86
C GLN B 9 22.39 -19.06 35.51
N ILE B 10 21.99 -18.07 34.71
CA ILE B 10 20.56 -17.87 34.38
C ILE B 10 20.07 -18.82 33.28
N SER B 11 20.98 -19.19 32.38
CA SER B 11 20.66 -20.01 31.22
C SER B 11 21.92 -20.59 30.59
N THR B 12 21.72 -21.34 29.51
CA THR B 12 22.81 -21.85 28.68
C THR B 12 22.70 -21.25 27.26
N PRO B 13 23.79 -21.30 26.46
CA PRO B 13 25.14 -21.85 26.72
C PRO B 13 25.72 -21.37 28.06
N LEU B 14 26.23 -22.31 28.87
CA LEU B 14 26.70 -22.01 30.21
C LEU B 14 27.57 -20.75 30.30
N THR B 15 28.59 -20.68 29.45
CA THR B 15 29.54 -19.56 29.47
C THR B 15 29.16 -18.40 28.54
N SER B 16 28.04 -18.55 27.81
CA SER B 16 27.56 -17.54 26.88
C SER B 16 26.03 -17.60 26.77
N PRO B 17 25.32 -17.38 27.90
CA PRO B 17 23.90 -17.72 27.98
C PRO B 17 23.03 -17.04 26.92
N ALA B 18 21.97 -17.73 26.50
CA ALA B 18 21.02 -17.23 25.50
C ALA B 18 20.57 -15.78 25.72
N PHE B 19 20.43 -15.40 26.99
CA PHE B 19 20.08 -14.05 27.41
C PHE B 19 20.78 -13.74 28.76
N PRO B 20 21.10 -12.46 29.01
CA PRO B 20 21.67 -12.04 30.30
C PRO B 20 20.57 -11.82 31.36
N ARG B 21 20.98 -11.61 32.62
CA ARG B 21 20.05 -11.20 33.68
C ARG B 21 19.56 -9.76 33.46
N GLY B 22 18.34 -9.49 33.92
CA GLY B 22 17.78 -8.14 33.83
C GLY B 22 18.35 -7.18 34.86
N PRO B 23 17.69 -6.03 35.03
CA PRO B 23 16.44 -5.64 34.37
C PRO B 23 16.67 -5.21 32.91
N TYR B 24 15.63 -5.33 32.09
CA TYR B 24 15.71 -4.98 30.66
C TYR B 24 15.01 -3.66 30.42
N LYS B 25 15.81 -2.63 30.20
CA LYS B 25 15.31 -1.28 30.00
C LYS B 25 15.09 -1.01 28.50
N PHE B 26 13.82 -0.93 28.12
CA PHE B 26 13.44 -0.50 26.78
C PHE B 26 13.39 1.02 26.76
N HIS B 27 14.50 1.63 26.35
CA HIS B 27 14.55 3.05 26.11
C HIS B 27 13.94 3.29 24.73
N ASN B 28 13.12 4.33 24.62
CA ASN B 28 12.40 4.67 23.38
C ASN B 28 11.81 3.45 22.68
N ARG B 29 10.89 2.77 23.34
CA ARG B 29 10.11 1.74 22.70
C ARG B 29 9.00 2.44 21.93
N GLU B 30 8.94 2.20 20.62
CA GLU B 30 7.95 2.85 19.76
C GLU B 30 6.84 1.85 19.44
N TYR B 31 5.64 2.08 19.98
CA TYR B 31 4.46 1.24 19.71
C TYR B 31 3.68 1.76 18.52
N PHE B 32 3.18 0.83 17.71
CA PHE B 32 2.16 1.11 16.69
C PHE B 32 1.06 0.06 16.87
N ASN B 33 0.00 0.43 17.60
CA ASN B 33 -1.11 -0.47 17.94
C ASN B 33 -2.31 -0.23 17.06
N ILE B 34 -2.99 -1.31 16.67
CA ILE B 34 -4.25 -1.20 15.94
C ILE B 34 -5.25 -2.16 16.55
N VAL B 35 -6.31 -1.63 17.14
CA VAL B 35 -7.39 -2.50 17.58
C VAL B 35 -8.49 -2.58 16.53
N TYR B 36 -8.86 -3.82 16.22
CA TYR B 36 -9.81 -4.10 15.16
C TYR B 36 -10.80 -5.16 15.58
N ARG B 37 -11.96 -5.11 14.94
CA ARG B 37 -13.02 -6.05 15.22
C ARG B 37 -12.82 -7.21 14.26
N THR B 38 -12.87 -8.43 14.79
CA THR B 38 -12.72 -9.64 13.98
C THR B 38 -13.90 -10.59 14.16
N ASP B 39 -13.70 -11.84 13.74
CA ASP B 39 -14.71 -12.89 13.83
C ASP B 39 -14.77 -13.46 15.23
N MET B 40 -15.96 -13.40 15.84
CA MET B 40 -16.14 -13.85 17.22
C MET B 40 -15.82 -15.33 17.48
N ASP B 41 -16.30 -16.23 16.63
CA ASP B 41 -16.01 -17.65 16.91
C ASP B 41 -14.61 -18.10 16.49
N ALA B 42 -13.98 -17.33 15.61
CA ALA B 42 -12.56 -17.52 15.33
C ALA B 42 -11.71 -17.03 16.52
N LEU B 43 -12.19 -15.98 17.18
CA LEU B 43 -11.53 -15.39 18.33
C LEU B 43 -11.72 -16.31 19.53
N ARG B 44 -12.92 -16.85 19.64
CA ARG B 44 -13.32 -17.73 20.73
C ARG B 44 -12.46 -18.99 20.78
N LYS B 45 -12.15 -19.53 19.60
CA LYS B 45 -11.32 -20.74 19.45
C LYS B 45 -9.86 -20.50 19.90
N VAL B 46 -9.47 -19.23 19.89
CA VAL B 46 -8.08 -18.83 20.05
C VAL B 46 -7.76 -18.43 21.50
N VAL B 47 -8.77 -17.92 22.20
CA VAL B 47 -8.65 -17.44 23.57
C VAL B 47 -8.87 -18.59 24.56
N PRO B 48 -7.86 -18.88 25.41
CA PRO B 48 -7.96 -20.00 26.35
C PRO B 48 -8.84 -19.69 27.57
N GLU B 49 -9.70 -20.64 27.93
CA GLU B 49 -10.48 -20.59 29.18
C GLU B 49 -9.51 -20.66 30.34
N PRO B 50 -9.81 -19.97 31.46
CA PRO B 50 -11.03 -19.23 31.81
C PRO B 50 -11.08 -17.74 31.40
N LEU B 51 -10.28 -17.32 30.43
CA LEU B 51 -10.36 -15.94 29.94
C LEU B 51 -11.68 -15.65 29.24
N GLU B 52 -12.22 -14.46 29.48
CA GLU B 52 -13.53 -14.06 28.96
C GLU B 52 -13.41 -12.98 27.88
N ILE B 53 -14.24 -13.10 26.85
CA ILE B 53 -14.28 -12.11 25.76
C ILE B 53 -15.57 -11.30 25.80
N ASP B 54 -15.42 -9.98 25.78
CA ASP B 54 -16.57 -9.07 25.64
C ASP B 54 -16.84 -8.91 24.14
N GLU B 55 -16.33 -7.83 23.55
CA GLU B 55 -16.42 -7.61 22.11
C GLU B 55 -15.38 -8.45 21.38
N PRO B 56 -15.58 -8.70 20.07
CA PRO B 56 -14.61 -9.50 19.31
C PRO B 56 -13.44 -8.65 18.78
N LEU B 57 -12.54 -8.25 19.68
CA LEU B 57 -11.46 -7.33 19.34
C LEU B 57 -10.08 -7.96 19.38
N VAL B 58 -9.19 -7.43 18.54
CA VAL B 58 -7.80 -7.84 18.49
C VAL B 58 -6.94 -6.56 18.47
N ARG B 59 -5.84 -6.57 19.20
CA ARG B 59 -4.85 -5.52 19.13
C ARG B 59 -3.62 -6.01 18.35
N PHE B 60 -3.56 -5.66 17.07
CA PHE B 60 -2.34 -5.81 16.29
C PHE B 60 -1.31 -4.81 16.78
N GLU B 61 -0.07 -5.26 16.95
CA GLU B 61 1.00 -4.39 17.38
C GLU B 61 2.25 -4.63 16.56
N ILE B 62 2.95 -3.54 16.29
CA ILE B 62 4.34 -3.58 15.86
C ILE B 62 5.15 -2.60 16.72
N MET B 63 6.22 -3.12 17.32
CA MET B 63 7.02 -2.39 18.30
C MET B 63 8.47 -2.31 17.86
N ALA B 64 8.97 -1.08 17.67
CA ALA B 64 10.39 -0.86 17.44
C ALA B 64 11.15 -0.73 18.76
N MET B 65 12.01 -1.69 19.05
CA MET B 65 12.85 -1.64 20.24
C MET B 65 14.19 -0.99 19.91
N HIS B 66 14.21 0.34 19.95
CA HIS B 66 15.35 1.13 19.47
C HIS B 66 16.62 0.97 20.29
N ASP B 67 16.47 0.58 21.56
CA ASP B 67 17.58 0.60 22.51
C ASP B 67 17.17 -0.18 23.76
N THR B 68 17.30 -1.50 23.71
CA THR B 68 16.91 -2.37 24.84
C THR B 68 18.14 -2.97 25.50
N SER B 69 18.40 -2.58 26.74
CA SER B 69 19.61 -3.03 27.42
C SER B 69 19.56 -4.54 27.58
N GLY B 70 20.71 -5.19 27.34
CA GLY B 70 20.80 -6.64 27.44
C GLY B 70 20.43 -7.35 26.14
N LEU B 71 19.54 -6.75 25.35
CA LEU B 71 18.95 -7.47 24.23
C LEU B 71 19.34 -6.93 22.85
N GLY B 72 19.34 -5.61 22.69
CA GLY B 72 19.82 -5.01 21.46
C GLY B 72 18.82 -4.12 20.77
N CYS B 73 18.92 -4.05 19.44
CA CYS B 73 18.06 -3.21 18.61
C CYS B 73 17.25 -4.05 17.64
N TYR B 74 15.95 -4.15 17.91
CA TYR B 74 15.11 -5.07 17.17
C TYR B 74 13.68 -4.58 17.04
N THR B 75 12.87 -5.29 16.26
CA THR B 75 11.48 -4.95 16.08
C THR B 75 10.64 -6.18 16.40
N GLU B 76 9.41 -5.95 16.87
CA GLU B 76 8.50 -6.99 17.27
C GLU B 76 7.13 -6.70 16.68
N SER B 77 6.39 -7.74 16.30
CA SER B 77 5.02 -7.56 15.80
C SER B 77 4.14 -8.76 16.15
N GLY B 78 2.87 -8.51 16.42
CA GLY B 78 1.95 -9.61 16.74
C GLY B 78 0.55 -9.21 17.14
N GLN B 79 -0.18 -10.15 17.73
CA GLN B 79 -1.54 -9.88 18.20
C GLN B 79 -1.73 -10.11 19.71
N ALA B 80 -2.29 -9.11 20.37
CA ALA B 80 -2.78 -9.24 21.74
C ALA B 80 -4.30 -9.12 21.69
N ILE B 81 -4.99 -9.84 22.57
CA ILE B 81 -6.45 -9.92 22.53
C ILE B 81 -7.05 -9.38 23.82
N PRO B 82 -7.78 -8.24 23.74
CA PRO B 82 -8.48 -7.66 24.89
C PRO B 82 -9.42 -8.66 25.54
N VAL B 83 -9.13 -9.05 26.78
CA VAL B 83 -9.93 -10.02 27.52
C VAL B 83 -10.11 -9.55 28.97
N SER B 84 -10.66 -10.44 29.81
CA SER B 84 -10.69 -10.22 31.24
C SER B 84 -10.53 -11.54 31.96
N PHE B 85 -9.90 -11.47 33.13
CA PHE B 85 -9.72 -12.62 34.01
C PHE B 85 -10.28 -12.25 35.39
N ASN B 86 -11.27 -13.01 35.85
CA ASN B 86 -11.98 -12.71 37.11
C ASN B 86 -12.47 -11.26 37.17
N GLY B 87 -12.89 -10.72 36.03
CA GLY B 87 -13.33 -9.33 35.96
C GLY B 87 -12.25 -8.34 35.57
N VAL B 88 -11.00 -8.66 35.94
CA VAL B 88 -9.88 -7.77 35.66
C VAL B 88 -9.51 -7.86 34.18
N LYS B 89 -9.68 -6.75 33.45
CA LYS B 89 -9.35 -6.78 32.02
C LYS B 89 -7.88 -6.53 31.70
N GLY B 90 -7.49 -6.95 30.51
CA GLY B 90 -6.11 -6.87 30.05
C GLY B 90 -6.00 -7.57 28.70
N ASP B 91 -4.78 -7.59 28.17
CA ASP B 91 -4.52 -8.22 26.89
C ASP B 91 -3.98 -9.62 27.09
N TYR B 92 -4.64 -10.60 26.46
CA TYR B 92 -4.06 -11.93 26.32
C TYR B 92 -3.11 -11.91 25.12
N LEU B 93 -1.89 -12.37 25.35
CA LEU B 93 -0.88 -12.39 24.29
C LEU B 93 -1.01 -13.67 23.48
N HIS B 94 -1.35 -13.47 22.21
CA HIS B 94 -1.73 -14.51 21.27
C HIS B 94 -0.48 -15.04 20.53
N MET B 95 0.17 -14.16 19.79
CA MET B 95 1.39 -14.52 19.09
C MET B 95 2.22 -13.27 18.88
N MET B 96 3.55 -13.42 18.97
N MET B 96 3.55 -13.43 18.95
CA MET B 96 4.47 -12.32 18.73
CA MET B 96 4.48 -12.33 18.71
C MET B 96 5.67 -12.78 17.88
C MET B 96 5.65 -12.80 17.85
N TYR B 97 6.17 -11.89 17.04
CA TYR B 97 7.22 -12.22 16.07
C TYR B 97 8.30 -11.16 16.12
N LEU B 98 9.55 -11.58 16.23
CA LEU B 98 10.67 -10.64 16.31
C LEU B 98 12.00 -11.19 15.83
N ASP B 99 12.92 -10.29 15.52
CA ASP B 99 14.17 -10.62 14.84
C ASP B 99 15.41 -10.64 15.76
N ASN B 100 15.19 -10.82 17.06
CA ASN B 100 16.27 -10.86 18.03
C ASN B 100 16.10 -12.11 18.87
N GLU B 101 17.06 -13.02 18.80
CA GLU B 101 16.94 -14.33 19.46
C GLU B 101 17.05 -14.23 21.00
N PRO B 102 18.05 -13.50 21.53
CA PRO B 102 18.02 -13.34 22.99
C PRO B 102 16.68 -12.81 23.51
N ALA B 103 16.11 -11.83 22.82
CA ALA B 103 14.76 -11.33 23.13
C ALA B 103 13.67 -12.41 23.03
N ILE B 104 13.76 -13.28 22.03
CA ILE B 104 12.85 -14.43 21.92
C ILE B 104 13.03 -15.34 23.14
N ALA B 105 14.28 -15.70 23.38
CA ALA B 105 14.65 -16.63 24.44
C ALA B 105 14.25 -16.14 25.83
N VAL B 106 14.51 -14.86 26.12
CA VAL B 106 14.18 -14.30 27.44
C VAL B 106 12.66 -14.22 27.66
N GLY B 107 11.91 -13.97 26.58
CA GLY B 107 10.46 -13.87 26.64
C GLY B 107 9.80 -15.21 26.89
N ARG B 108 10.32 -16.26 26.25
CA ARG B 108 9.72 -17.59 26.36
C ARG B 108 10.12 -18.30 27.65
N GLU B 109 11.34 -18.06 28.13
CA GLU B 109 11.92 -18.87 29.21
C GLU B 109 12.01 -18.19 30.58
N LEU B 110 11.99 -16.86 30.63
CA LEU B 110 11.99 -16.12 31.91
C LEU B 110 10.56 -15.67 32.22
N SER B 111 9.84 -15.25 31.19
CA SER B 111 8.44 -14.89 31.31
C SER B 111 7.64 -15.93 30.52
N ALA B 112 6.54 -15.53 29.87
CA ALA B 112 5.77 -16.50 29.09
C ALA B 112 5.32 -15.95 27.72
N TYR B 113 6.08 -15.02 27.16
CA TYR B 113 5.72 -14.39 25.91
C TYR B 113 5.72 -15.38 24.72
N PRO B 114 4.60 -15.44 23.97
CA PRO B 114 4.42 -16.41 22.88
C PRO B 114 5.21 -16.05 21.62
N LYS B 115 6.53 -16.08 21.71
CA LYS B 115 7.40 -15.52 20.66
C LYS B 115 7.81 -16.54 19.62
N LYS B 116 7.89 -16.07 18.39
CA LYS B 116 8.47 -16.80 17.28
C LYS B 116 9.39 -15.86 16.52
N LEU B 117 10.20 -16.39 15.59
CA LEU B 117 11.08 -15.56 14.78
C LEU B 117 10.35 -14.97 13.57
N GLY B 118 10.52 -13.67 13.36
CA GLY B 118 9.85 -12.96 12.28
C GLY B 118 10.61 -11.70 11.94
N TYR B 119 10.31 -11.10 10.79
CA TYR B 119 11.05 -9.90 10.37
C TYR B 119 10.15 -8.68 10.24
N PRO B 120 9.96 -7.95 11.35
CA PRO B 120 9.13 -6.76 11.32
C PRO B 120 9.95 -5.49 11.11
N LYS B 121 9.27 -4.44 10.68
CA LYS B 121 9.92 -3.20 10.31
C LYS B 121 8.97 -2.06 10.59
N LEU B 122 9.45 -1.05 11.30
CA LEU B 122 8.69 0.19 11.49
C LEU B 122 9.47 1.37 10.93
N PHE B 123 8.81 2.15 10.08
CA PHE B 123 9.43 3.31 9.45
C PHE B 123 8.37 4.29 8.95
N VAL B 124 8.83 5.48 8.54
CA VAL B 124 7.97 6.48 7.94
C VAL B 124 8.18 6.47 6.42
N ASP B 125 7.09 6.32 5.69
CA ASP B 125 7.14 6.40 4.24
C ASP B 125 6.56 7.76 3.80
N SER B 126 7.34 8.80 4.04
CA SER B 126 6.98 10.20 3.77
C SER B 126 5.88 10.76 4.69
N ASP B 127 4.62 10.45 4.39
CA ASP B 127 3.48 10.96 5.16
C ASP B 127 2.74 9.89 5.95
N THR B 128 3.25 8.66 5.86
CA THR B 128 2.59 7.49 6.41
C THR B 128 3.55 6.73 7.32
N LEU B 129 3.08 6.36 8.51
CA LEU B 129 3.81 5.43 9.34
C LEU B 129 3.50 4.04 8.82
N VAL B 130 4.52 3.35 8.32
CA VAL B 130 4.34 1.99 7.85
C VAL B 130 5.02 1.02 8.79
N GLY B 131 4.28 0.02 9.22
CA GLY B 131 4.85 -1.15 9.88
C GLY B 131 4.52 -2.39 9.08
N THR B 132 5.54 -3.17 8.74
CA THR B 132 5.36 -4.43 8.02
C THR B 132 5.80 -5.62 8.88
N LEU B 133 5.36 -6.82 8.53
CA LEU B 133 5.81 -8.06 9.19
C LEU B 133 5.96 -9.18 8.16
N ASP B 134 7.16 -9.78 8.11
CA ASP B 134 7.44 -10.99 7.31
C ASP B 134 7.67 -12.20 8.19
N TYR B 135 7.18 -13.36 7.72
CA TYR B 135 7.63 -14.65 8.25
C TYR B 135 8.46 -15.35 7.18
N GLY B 136 9.72 -15.64 7.49
CA GLY B 136 10.67 -16.05 6.45
C GLY B 136 10.73 -14.98 5.37
N LYS B 137 10.40 -15.35 4.15
CA LYS B 137 10.48 -14.42 3.03
C LYS B 137 9.13 -13.84 2.61
N LEU B 138 8.08 -14.19 3.36
CA LEU B 138 6.71 -13.86 2.99
C LEU B 138 6.09 -12.80 3.88
N ARG B 139 5.50 -11.79 3.25
CA ARG B 139 4.78 -10.75 3.95
C ARG B 139 3.49 -11.27 4.57
N VAL B 140 3.24 -10.91 5.83
CA VAL B 140 1.97 -11.28 6.48
C VAL B 140 1.15 -10.09 6.96
N ALA B 141 1.83 -8.97 7.27
CA ALA B 141 1.14 -7.78 7.75
C ALA B 141 1.74 -6.47 7.23
N THR B 142 0.89 -5.60 6.71
CA THR B 142 1.25 -4.23 6.33
C THR B 142 0.28 -3.26 7.03
N ALA B 143 0.77 -2.57 8.05
CA ALA B 143 -0.02 -1.60 8.80
C ALA B 143 0.36 -0.18 8.37
N THR B 144 -0.63 0.71 8.31
CA THR B 144 -0.40 2.10 7.92
C THR B 144 -1.19 3.09 8.80
N MET B 145 -0.57 4.24 9.08
CA MET B 145 -1.24 5.33 9.79
C MET B 145 -0.83 6.67 9.19
N GLY B 146 -1.82 7.55 8.99
CA GLY B 146 -1.52 8.94 8.67
C GLY B 146 -0.63 9.45 9.78
N TYR B 147 0.52 10.02 9.41
CA TYR B 147 1.59 10.32 10.36
C TYR B 147 1.25 11.41 11.39
N LYS B 148 1.06 10.98 12.64
CA LYS B 148 0.87 11.87 13.78
C LYS B 148 -0.21 12.91 13.53
N HIS B 149 -1.34 12.47 12.98
CA HIS B 149 -2.44 13.36 12.60
C HIS B 149 -3.13 14.04 13.77
N LYS B 150 -3.33 13.29 14.86
CA LYS B 150 -4.00 13.82 16.06
C LYS B 150 -3.27 13.40 17.33
N ALA B 151 -3.13 14.35 18.25
CA ALA B 151 -2.50 14.09 19.55
C ALA B 151 -3.37 13.22 20.45
N LEU B 152 -2.74 12.33 21.19
CA LEU B 152 -3.44 11.50 22.17
C LEU B 152 -3.00 11.85 23.59
N ASP B 153 -3.93 11.77 24.53
CA ASP B 153 -3.63 11.99 25.95
C ASP B 153 -2.54 11.02 26.42
N ALA B 154 -1.45 11.59 26.93
CA ALA B 154 -0.29 10.81 27.38
C ALA B 154 -0.61 9.92 28.59
N ASN B 155 -1.60 10.32 29.38
CA ASN B 155 -2.06 9.50 30.52
C ASN B 155 -2.90 8.29 30.12
N GLU B 156 -3.81 8.48 29.17
CA GLU B 156 -4.62 7.36 28.66
C GLU B 156 -3.71 6.35 27.94
N ALA B 157 -2.75 6.87 27.16
CA ALA B 157 -1.68 6.07 26.58
C ALA B 157 -0.88 5.32 27.64
N LYS B 158 -0.52 6.01 28.74
CA LYS B 158 0.17 5.38 29.86
C LYS B 158 -0.64 4.23 30.45
N ASP B 159 -1.96 4.38 30.47
CA ASP B 159 -2.88 3.37 30.99
C ASP B 159 -3.01 2.20 30.03
N GLN B 160 -2.86 2.48 28.75
CA GLN B 160 -2.91 1.47 27.71
C GLN B 160 -1.74 0.50 27.88
N ILE B 161 -0.52 1.05 27.95
CA ILE B 161 0.71 0.28 28.19
C ILE B 161 0.66 -0.52 29.50
N CYS B 162 0.00 0.05 30.50
CA CYS B 162 0.00 -0.51 31.85
C CYS B 162 -1.05 -1.60 32.09
N ARG B 163 -1.93 -1.85 31.12
CA ARG B 163 -2.91 -2.93 31.22
C ARG B 163 -2.21 -4.27 31.49
N PRO B 164 -2.79 -5.11 32.35
CA PRO B 164 -2.26 -6.46 32.60
C PRO B 164 -2.10 -7.27 31.31
N ASN B 165 -1.02 -8.04 31.24
CA ASN B 165 -0.77 -8.93 30.11
C ASN B 165 -0.91 -10.36 30.60
N TYR B 166 -1.86 -11.10 30.02
CA TYR B 166 -2.02 -12.51 30.36
C TYR B 166 -1.41 -13.37 29.27
N MET B 167 -0.62 -14.36 29.70
CA MET B 167 0.08 -15.27 28.78
C MET B 167 0.06 -16.70 29.29
N LEU B 168 0.35 -17.64 28.39
CA LEU B 168 0.42 -19.04 28.75
C LEU B 168 1.86 -19.53 28.83
N LYS B 169 2.24 -20.05 29.99
CA LYS B 169 3.49 -20.78 30.08
C LYS B 169 3.19 -22.26 29.88
N ILE B 170 3.62 -22.77 28.73
CA ILE B 170 3.50 -24.19 28.42
C ILE B 170 4.90 -24.76 28.18
N ILE B 171 5.37 -25.57 29.13
CA ILE B 171 6.65 -26.27 29.01
C ILE B 171 6.40 -27.77 29.14
N PRO B 172 6.90 -28.57 28.17
CA PRO B 172 6.78 -30.02 28.30
C PRO B 172 7.89 -30.63 29.16
N ASN B 173 7.58 -31.81 29.72
CA ASN B 173 8.59 -32.72 30.26
C ASN B 173 9.45 -33.27 29.13
N TYR B 174 10.52 -33.99 29.49
CA TYR B 174 11.44 -34.57 28.51
C TYR B 174 10.79 -35.62 27.62
N ASP B 175 9.71 -36.23 28.11
CA ASP B 175 8.99 -37.25 27.36
C ASP B 175 7.77 -36.71 26.60
N GLY B 176 7.54 -35.40 26.71
CA GLY B 176 6.48 -34.73 25.96
C GLY B 176 5.22 -34.43 26.74
N SER B 177 5.07 -35.07 27.90
CA SER B 177 3.93 -34.80 28.79
C SER B 177 4.02 -33.36 29.33
N PRO B 178 2.89 -32.81 29.82
CA PRO B 178 2.88 -31.47 30.44
C PRO B 178 3.74 -31.35 31.71
N ARG B 179 4.51 -30.28 31.80
CA ARG B 179 5.38 -29.98 32.94
C ARG B 179 4.88 -28.71 33.60
N ILE B 180 4.77 -27.66 32.80
CA ILE B 180 4.12 -26.42 33.21
C ILE B 180 3.01 -26.11 32.21
N CYS B 181 1.81 -25.88 32.72
CA CYS B 181 0.69 -25.39 31.92
C CYS B 181 -0.11 -24.42 32.78
N GLU B 182 0.08 -23.14 32.48
CA GLU B 182 -0.13 -22.08 33.44
C GLU B 182 -0.55 -20.80 32.75
N LEU B 183 -1.55 -20.13 33.31
CA LEU B 183 -1.87 -18.77 32.94
C LEU B 183 -1.14 -17.83 33.89
N ILE B 184 -0.56 -16.78 33.30
CA ILE B 184 0.35 -15.88 33.99
C ILE B 184 -0.10 -14.45 33.81
N ASN B 185 0.35 -13.57 34.70
CA ASN B 185 0.07 -12.15 34.59
C ASN B 185 1.33 -11.30 34.79
N ALA B 186 1.51 -10.32 33.91
CA ALA B 186 2.56 -9.31 34.04
C ALA B 186 1.97 -7.92 33.73
N LYS B 187 2.29 -6.97 34.60
CA LYS B 187 1.77 -5.62 34.50
C LYS B 187 2.95 -4.66 34.61
N ILE B 188 3.10 -3.77 33.62
CA ILE B 188 4.18 -2.78 33.64
C ILE B 188 3.92 -1.68 34.70
N THR B 189 4.95 -1.38 35.50
CA THR B 189 4.84 -0.33 36.51
C THR B 189 5.78 0.86 36.25
N ASP B 190 6.96 0.59 35.71
CA ASP B 190 7.90 1.62 35.29
C ASP B 190 7.64 2.01 33.83
N VAL B 191 7.02 3.18 33.64
CA VAL B 191 6.69 3.73 32.31
C VAL B 191 6.93 5.24 32.28
N THR B 192 7.39 5.73 31.14
CA THR B 192 7.38 7.16 30.83
C THR B 192 6.93 7.30 29.38
N VAL B 193 5.89 8.11 29.15
CA VAL B 193 5.36 8.34 27.80
C VAL B 193 5.85 9.70 27.28
N HIS B 194 6.62 9.69 26.19
CA HIS B 194 7.18 10.91 25.60
C HIS B 194 6.19 11.57 24.65
N GLU B 195 5.49 10.75 23.86
CA GLU B 195 4.47 11.23 22.94
C GLU B 195 3.49 10.12 22.57
N ALA B 196 2.26 10.52 22.26
CA ALA B 196 1.19 9.60 21.92
C ALA B 196 0.32 10.23 20.83
N TRP B 197 0.04 9.46 19.78
CA TRP B 197 -0.62 9.98 18.59
C TRP B 197 -1.59 8.97 17.99
N THR B 198 -2.48 9.47 17.16
CA THR B 198 -3.35 8.63 16.35
C THR B 198 -3.56 9.30 15.00
N GLY B 199 -4.43 8.71 14.18
CA GLY B 199 -4.70 9.20 12.82
C GLY B 199 -5.36 8.08 12.03
N PRO B 200 -5.70 8.33 10.75
CA PRO B 200 -6.37 7.29 9.94
C PRO B 200 -5.48 6.07 9.85
N THR B 201 -6.06 4.88 10.02
CA THR B 201 -5.30 3.65 10.22
C THR B 201 -5.90 2.49 9.44
N ARG B 202 -5.06 1.71 8.75
CA ARG B 202 -5.50 0.44 8.13
C ARG B 202 -4.54 -0.70 8.42
N LEU B 203 -5.04 -1.93 8.26
CA LEU B 203 -4.26 -3.14 8.49
C LEU B 203 -4.51 -4.18 7.40
N GLN B 204 -3.50 -4.42 6.58
CA GLN B 204 -3.60 -5.46 5.58
C GLN B 204 -2.90 -6.73 6.08
N LEU B 205 -3.64 -7.85 6.11
CA LEU B 205 -3.09 -9.15 6.52
C LEU B 205 -3.13 -10.19 5.41
N PHE B 206 -2.12 -11.06 5.40
CA PHE B 206 -2.10 -12.21 4.50
C PHE B 206 -2.01 -13.54 5.26
N ASP B 207 -2.54 -14.59 4.66
CA ASP B 207 -2.49 -15.94 5.26
C ASP B 207 -1.06 -16.54 5.25
N HIS B 208 -0.64 -17.05 6.40
CA HIS B 208 0.60 -17.82 6.51
C HIS B 208 0.40 -18.89 7.59
N ALA B 209 0.67 -20.15 7.26
CA ALA B 209 0.46 -21.24 8.22
C ALA B 209 1.33 -21.17 9.49
N MET B 210 2.49 -20.52 9.43
CA MET B 210 3.36 -20.41 10.61
C MET B 210 3.29 -19.03 11.28
N ALA B 211 2.67 -18.06 10.60
CA ALA B 211 2.38 -16.77 11.19
C ALA B 211 0.90 -16.43 10.92
N PRO B 212 -0.02 -17.21 11.51
CA PRO B 212 -1.43 -17.16 11.12
C PRO B 212 -2.23 -16.03 11.76
N LEU B 213 -1.73 -14.80 11.60
CA LEU B 213 -2.39 -13.58 12.07
C LEU B 213 -3.78 -13.39 11.45
N ASN B 214 -3.91 -13.71 10.17
CA ASN B 214 -5.17 -13.53 9.45
C ASN B 214 -6.23 -14.60 9.77
N ASP B 215 -5.96 -15.47 10.73
CA ASP B 215 -7.00 -16.32 11.34
C ASP B 215 -7.98 -15.47 12.14
N LEU B 216 -7.55 -14.26 12.45
CA LEU B 216 -8.41 -13.25 13.04
C LEU B 216 -8.41 -12.06 12.07
N PRO B 217 -9.24 -12.17 11.00
CA PRO B 217 -9.18 -11.19 9.93
C PRO B 217 -9.79 -9.87 10.37
N VAL B 218 -9.25 -8.77 9.85
CA VAL B 218 -9.80 -7.46 10.19
C VAL B 218 -11.13 -7.21 9.48
N LYS B 219 -12.17 -7.05 10.30
CA LYS B 219 -13.52 -6.74 9.82
C LYS B 219 -13.79 -5.25 9.89
N GLU B 220 -13.11 -4.56 10.81
CA GLU B 220 -13.30 -3.12 10.96
C GLU B 220 -12.26 -2.55 11.92
N ILE B 221 -11.61 -1.46 11.52
CA ILE B 221 -10.69 -0.70 12.38
C ILE B 221 -11.47 0.06 13.45
N VAL B 222 -11.12 -0.17 14.72
CA VAL B 222 -11.82 0.43 15.87
C VAL B 222 -11.05 1.63 16.45
N SER B 223 -9.74 1.46 16.67
CA SER B 223 -8.86 2.49 17.20
C SER B 223 -7.40 2.13 17.01
N SER B 224 -6.53 3.12 17.19
CA SER B 224 -5.12 2.93 16.99
C SER B 224 -4.31 3.97 17.76
N SER B 225 -3.05 3.63 18.08
CA SER B 225 -2.14 4.59 18.67
C SER B 225 -0.68 4.40 18.25
N HIS B 226 0.02 5.52 18.15
CA HIS B 226 1.46 5.55 17.90
C HIS B 226 2.11 6.18 19.12
N ILE B 227 2.92 5.40 19.85
CA ILE B 227 3.41 5.79 21.18
C ILE B 227 4.93 5.64 21.31
N LEU B 228 5.55 6.67 21.86
CA LEU B 228 6.94 6.62 22.31
C LEU B 228 6.98 6.61 23.84
N ALA B 229 7.66 5.61 24.38
CA ALA B 229 7.71 5.39 25.83
C ALA B 229 8.98 4.66 26.27
N ASP B 230 9.38 4.89 27.53
CA ASP B 230 10.43 4.10 28.18
C ASP B 230 9.76 3.16 29.17
N ILE B 231 10.11 1.89 29.12
CA ILE B 231 9.56 0.91 30.05
C ILE B 231 10.65 -0.04 30.57
N ILE B 232 10.36 -0.68 31.69
CA ILE B 232 11.18 -1.77 32.20
C ILE B 232 10.32 -3.03 32.18
N LEU B 233 10.86 -4.12 31.62
CA LEU B 233 10.10 -5.36 31.47
C LEU B 233 9.65 -5.87 32.84
N PRO B 234 8.34 -6.18 32.97
CA PRO B 234 7.77 -6.59 34.27
C PRO B 234 7.97 -8.07 34.62
N ARG B 235 7.91 -8.36 35.92
CA ARG B 235 7.94 -9.74 36.42
C ARG B 235 6.55 -10.38 36.29
N ALA B 236 6.52 -11.60 35.77
CA ALA B 236 5.29 -12.35 35.64
C ALA B 236 4.96 -13.10 36.94
N GLU B 237 3.68 -13.35 37.18
CA GLU B 237 3.24 -14.22 38.27
C GLU B 237 2.03 -15.08 37.90
N VAL B 238 2.02 -16.32 38.38
CA VAL B 238 0.98 -17.29 38.06
C VAL B 238 -0.38 -16.89 38.64
N ILE B 239 -1.41 -16.92 37.80
CA ILE B 239 -2.78 -16.64 38.22
C ILE B 239 -3.70 -17.85 38.08
N TYR B 240 -3.34 -18.78 37.19
CA TYR B 240 -4.14 -19.98 36.98
C TYR B 240 -3.26 -21.15 36.55
N ASP B 241 -3.32 -22.23 37.34
CA ASP B 241 -2.56 -23.44 37.06
C ASP B 241 -3.49 -24.52 36.52
N TYR B 242 -3.32 -24.87 35.25
CA TYR B 242 -4.18 -25.87 34.59
C TYR B 242 -3.90 -27.29 35.08
N LEU B 243 -2.77 -27.46 35.78
CA LEU B 243 -2.37 -28.77 36.29
C LEU B 243 -2.93 -29.05 37.69
N LYS B 244 -4.08 -28.44 37.99
CA LYS B 244 -4.88 -28.67 39.21
C LYS B 244 -3.99 -28.87 40.43
N MET C 1 -21.93 10.61 2.91
CA MET C 1 -21.63 11.68 3.91
C MET C 1 -22.67 12.79 3.86
N VAL C 2 -23.24 13.04 5.03
CA VAL C 2 -24.31 14.01 5.23
C VAL C 2 -23.80 15.42 4.92
N LYS C 3 -24.68 16.23 4.33
CA LYS C 3 -24.35 17.61 3.93
C LYS C 3 -23.60 18.41 5.01
N ASP C 4 -24.05 18.33 6.27
CA ASP C 4 -23.39 19.06 7.38
C ASP C 4 -21.95 18.61 7.63
N GLU C 5 -21.69 17.32 7.45
CA GLU C 5 -20.39 16.75 7.70
C GLU C 5 -19.42 17.09 6.57
N VAL C 6 -19.93 17.17 5.34
CA VAL C 6 -19.15 17.61 4.19
C VAL C 6 -18.49 18.96 4.46
N ILE C 7 -19.27 19.89 5.01
CA ILE C 7 -18.83 21.27 5.26
C ILE C 7 -17.70 21.34 6.30
N LYS C 8 -17.59 20.30 7.14
CA LYS C 8 -16.62 20.28 8.24
C LYS C 8 -15.22 19.82 7.83
N GLN C 9 -15.11 19.29 6.61
CA GLN C 9 -13.85 18.78 6.10
C GLN C 9 -12.98 19.90 5.59
N ILE C 10 -11.68 19.79 5.84
CA ILE C 10 -10.74 20.85 5.48
C ILE C 10 -10.35 20.80 4.00
N SER C 11 -10.43 19.61 3.40
CA SER C 11 -9.94 19.39 2.04
C SER C 11 -10.51 18.15 1.39
N THR C 12 -9.86 17.76 0.29
CA THR C 12 -10.30 16.69 -0.60
C THR C 12 -9.06 15.87 -1.04
N PRO C 13 -9.20 14.55 -1.27
CA PRO C 13 -10.36 13.64 -1.23
C PRO C 13 -11.18 13.73 0.06
N LEU C 14 -12.50 13.77 -0.08
CA LEU C 14 -13.40 13.97 1.06
C LEU C 14 -13.15 13.05 2.25
N THR C 15 -13.00 11.75 2.00
CA THR C 15 -12.83 10.77 3.09
C THR C 15 -11.35 10.45 3.39
N SER C 16 -10.45 11.16 2.71
CA SER C 16 -9.01 10.98 2.86
C SER C 16 -8.28 12.26 2.39
N PRO C 17 -8.47 13.38 3.12
CA PRO C 17 -8.05 14.69 2.60
C PRO C 17 -6.56 14.81 2.29
N ALA C 18 -6.24 15.65 1.31
CA ALA C 18 -4.86 15.90 0.91
C ALA C 18 -3.94 16.14 2.11
N PHE C 19 -4.51 16.74 3.16
CA PHE C 19 -3.77 17.06 4.37
C PHE C 19 -4.74 17.06 5.56
N PRO C 20 -4.24 16.77 6.77
CA PRO C 20 -5.09 16.81 7.95
C PRO C 20 -5.18 18.23 8.53
N ARG C 21 -6.03 18.39 9.54
CA ARG C 21 -6.12 19.64 10.30
C ARG C 21 -4.92 19.81 11.22
N GLY C 22 -4.53 21.06 11.47
CA GLY C 22 -3.41 21.37 12.36
C GLY C 22 -3.77 21.30 13.83
N PRO C 23 -2.87 21.76 14.71
CA PRO C 23 -1.58 22.38 14.41
C PRO C 23 -0.54 21.41 13.85
N TYR C 24 0.40 21.95 13.07
CA TYR C 24 1.52 21.17 12.57
C TYR C 24 2.76 21.55 13.38
N LYS C 25 3.16 20.62 14.25
CA LYS C 25 4.30 20.78 15.13
C LYS C 25 5.56 20.32 14.43
N PHE C 26 6.41 21.26 14.04
CA PHE C 26 7.71 20.95 13.46
C PHE C 26 8.70 20.70 14.58
N HIS C 27 8.98 19.42 14.80
CA HIS C 27 9.95 18.99 15.80
C HIS C 27 11.30 18.75 15.14
N ASN C 28 12.35 19.34 15.72
CA ASN C 28 13.71 19.26 15.16
C ASN C 28 13.78 19.65 13.67
N ARG C 29 13.15 20.77 13.34
CA ARG C 29 13.31 21.37 12.03
C ARG C 29 14.75 21.88 11.93
N GLU C 30 15.43 21.46 10.87
CA GLU C 30 16.83 21.81 10.65
C GLU C 30 16.93 22.72 9.44
N TYR C 31 17.37 23.96 9.66
CA TYR C 31 17.53 24.98 8.65
C TYR C 31 18.97 25.06 8.17
N PHE C 32 19.13 25.22 6.86
CA PHE C 32 20.42 25.55 6.26
C PHE C 32 20.16 26.75 5.37
N ASN C 33 20.46 27.94 5.88
CA ASN C 33 20.24 29.21 5.18
C ASN C 33 21.51 29.82 4.61
N ILE C 34 21.41 30.32 3.38
CA ILE C 34 22.50 31.01 2.70
C ILE C 34 21.98 32.30 2.08
N VAL C 35 22.30 33.44 2.67
CA VAL C 35 21.90 34.69 2.01
C VAL C 35 23.00 35.14 1.07
N TYR C 36 22.62 35.58 -0.12
CA TYR C 36 23.61 35.94 -1.12
C TYR C 36 23.23 37.17 -1.95
N ARG C 37 24.21 37.74 -2.63
CA ARG C 37 23.98 38.88 -3.50
C ARG C 37 23.73 38.40 -4.93
N THR C 38 22.73 39.00 -5.59
CA THR C 38 22.41 38.68 -6.98
C THR C 38 22.23 39.97 -7.81
N ASP C 39 21.83 39.83 -9.08
CA ASP C 39 21.46 40.97 -9.92
C ASP C 39 20.20 41.61 -9.40
N MET C 40 20.24 42.94 -9.25
CA MET C 40 19.06 43.70 -8.84
C MET C 40 17.99 43.68 -9.92
N ASP C 41 18.40 43.71 -11.18
CA ASP C 41 17.46 43.69 -12.30
C ASP C 41 16.63 42.41 -12.29
N ALA C 42 17.30 41.28 -12.07
CA ALA C 42 16.65 39.98 -11.99
C ALA C 42 15.70 39.93 -10.79
N LEU C 43 16.20 40.42 -9.65
CA LEU C 43 15.39 40.55 -8.43
C LEU C 43 14.11 41.37 -8.63
N ARG C 44 14.27 42.53 -9.28
CA ARG C 44 13.17 43.45 -9.56
C ARG C 44 11.96 42.74 -10.17
N LYS C 45 12.21 42.00 -11.26
CA LYS C 45 11.17 41.26 -12.00
C LYS C 45 10.42 40.30 -11.10
N VAL C 46 11.17 39.67 -10.22
CA VAL C 46 10.73 38.56 -9.38
C VAL C 46 9.84 39.03 -8.22
N VAL C 47 10.23 40.16 -7.62
CA VAL C 47 9.50 40.71 -6.47
C VAL C 47 8.25 41.49 -6.92
N PRO C 48 7.07 41.08 -6.44
CA PRO C 48 5.84 41.78 -6.79
C PRO C 48 5.57 43.03 -5.93
N GLU C 49 5.00 44.07 -6.55
CA GLU C 49 4.47 45.23 -5.81
C GLU C 49 3.37 44.76 -4.86
N PRO C 50 3.20 45.42 -3.69
CA PRO C 50 3.91 46.62 -3.21
C PRO C 50 5.14 46.35 -2.32
N LEU C 51 5.63 45.11 -2.29
CA LEU C 51 6.83 44.76 -1.54
C LEU C 51 8.07 45.47 -2.10
N GLU C 52 8.94 45.93 -1.19
CA GLU C 52 10.07 46.76 -1.55
C GLU C 52 11.40 46.04 -1.35
N ILE C 53 12.28 46.15 -2.36
CA ILE C 53 13.64 45.63 -2.25
C ILE C 53 14.59 46.73 -1.81
N ASP C 54 15.42 46.41 -0.82
CA ASP C 54 16.51 47.26 -0.41
C ASP C 54 17.76 46.84 -1.18
N GLU C 55 18.61 46.03 -0.55
CA GLU C 55 19.77 45.44 -1.21
C GLU C 55 19.34 44.22 -2.03
N PRO C 56 20.09 43.88 -3.10
CA PRO C 56 19.77 42.73 -3.95
C PRO C 56 20.16 41.39 -3.31
N LEU C 57 19.38 40.97 -2.31
CA LEU C 57 19.69 39.75 -1.56
C LEU C 57 18.67 38.63 -1.82
N VAL C 58 19.15 37.39 -1.78
CA VAL C 58 18.30 36.20 -1.85
C VAL C 58 18.72 35.29 -0.71
N ARG C 59 17.75 34.80 0.06
CA ARG C 59 17.99 33.78 1.07
C ARG C 59 17.68 32.40 0.50
N PHE C 60 18.71 31.66 0.13
CA PHE C 60 18.54 30.26 -0.23
C PHE C 60 18.35 29.42 1.03
N GLU C 61 17.40 28.50 0.97
CA GLU C 61 17.09 27.66 2.10
C GLU C 61 16.99 26.20 1.71
N ILE C 62 17.51 25.35 2.57
CA ILE C 62 17.14 23.94 2.58
C ILE C 62 16.77 23.55 4.01
N MET C 63 15.56 23.01 4.16
CA MET C 63 14.99 22.63 5.45
C MET C 63 14.84 21.11 5.51
N ALA C 64 15.34 20.50 6.57
CA ALA C 64 15.00 19.09 6.84
C ALA C 64 13.94 19.02 7.95
N MET C 65 12.78 18.50 7.59
CA MET C 65 11.67 18.32 8.52
C MET C 65 11.67 16.90 9.06
N HIS C 66 12.49 16.69 10.09
CA HIS C 66 12.75 15.36 10.65
C HIS C 66 11.52 14.69 11.27
N ASP C 67 10.61 15.49 11.81
CA ASP C 67 9.45 14.97 12.54
C ASP C 67 8.32 16.03 12.58
N THR C 68 7.54 16.10 11.50
CA THR C 68 6.44 17.06 11.41
C THR C 68 5.07 16.42 11.57
N SER C 69 4.44 16.73 12.70
CA SER C 69 3.10 16.28 13.03
C SER C 69 2.09 16.54 11.90
N GLY C 70 1.40 15.48 11.49
CA GLY C 70 0.37 15.55 10.45
C GLY C 70 0.87 15.47 9.02
N LEU C 71 2.15 15.76 8.80
CA LEU C 71 2.69 15.79 7.45
C LEU C 71 3.69 14.67 7.20
N GLY C 72 4.59 14.44 8.17
CA GLY C 72 5.58 13.37 8.08
C GLY C 72 7.03 13.82 8.16
N CYS C 73 7.91 13.06 7.51
CA CYS C 73 9.35 13.34 7.49
C CYS C 73 9.75 13.65 6.06
N TYR C 74 10.31 14.85 5.85
CA TYR C 74 10.57 15.34 4.50
C TYR C 74 11.54 16.52 4.47
N THR C 75 11.93 16.91 3.26
CA THR C 75 12.93 17.96 3.09
C THR C 75 12.41 18.95 2.08
N GLU C 76 12.72 20.23 2.30
CA GLU C 76 12.30 21.26 1.40
C GLU C 76 13.42 22.25 1.10
N SER C 77 13.47 22.73 -0.14
CA SER C 77 14.49 23.69 -0.53
C SER C 77 13.92 24.80 -1.42
N GLY C 78 14.43 26.01 -1.28
CA GLY C 78 13.91 27.13 -2.06
C GLY C 78 14.60 28.47 -1.90
N GLN C 79 13.89 29.53 -2.28
CA GLN C 79 14.42 30.89 -2.17
C GLN C 79 13.43 31.82 -1.48
N ALA C 80 13.91 32.49 -0.44
CA ALA C 80 13.21 33.61 0.18
C ALA C 80 13.93 34.89 -0.23
N ILE C 81 13.19 35.98 -0.35
CA ILE C 81 13.79 37.27 -0.72
C ILE C 81 13.51 38.32 0.35
N PRO C 82 14.57 38.79 1.04
CA PRO C 82 14.43 39.85 2.05
C PRO C 82 13.79 41.09 1.45
N VAL C 83 12.65 41.49 2.01
CA VAL C 83 11.89 42.64 1.52
C VAL C 83 11.32 43.44 2.69
N SER C 84 10.47 44.42 2.36
CA SER C 84 9.70 45.16 3.36
C SER C 84 8.31 45.44 2.80
N PHE C 85 7.32 45.42 3.69
CA PHE C 85 5.96 45.83 3.37
C PHE C 85 5.59 46.93 4.36
N ASN C 86 5.24 48.11 3.84
CA ASN C 86 4.95 49.30 4.65
C ASN C 86 6.06 49.58 5.68
N GLY C 87 7.31 49.40 5.26
CA GLY C 87 8.46 49.59 6.12
C GLY C 87 8.80 48.43 7.05
N VAL C 88 7.97 47.39 7.06
CA VAL C 88 8.19 46.23 7.94
C VAL C 88 8.96 45.14 7.20
N LYS C 89 10.16 44.86 7.69
CA LYS C 89 11.05 43.90 7.05
C LYS C 89 10.61 42.45 7.22
N GLY C 90 10.53 41.73 6.11
CA GLY C 90 10.23 40.30 6.13
C GLY C 90 10.82 39.61 4.93
N ASP C 91 10.60 38.30 4.83
CA ASP C 91 11.04 37.54 3.65
C ASP C 91 9.87 37.34 2.72
N TYR C 92 10.06 37.64 1.45
CA TYR C 92 9.10 37.24 0.44
C TYR C 92 9.39 35.81 0.00
N LEU C 93 8.35 34.96 0.04
CA LEU C 93 8.50 33.56 -0.36
C LEU C 93 8.34 33.40 -1.87
N HIS C 94 9.47 33.17 -2.53
CA HIS C 94 9.61 33.18 -3.99
C HIS C 94 9.30 31.81 -4.62
N MET C 95 10.05 30.77 -4.24
CA MET C 95 9.78 29.39 -4.72
C MET C 95 10.29 28.36 -3.74
N MET C 96 9.50 27.30 -3.54
N MET C 96 9.50 27.32 -3.52
CA MET C 96 9.85 26.23 -2.62
CA MET C 96 9.87 26.24 -2.61
C MET C 96 9.61 24.87 -3.27
C MET C 96 9.62 24.88 -3.28
N TYR C 97 10.50 23.92 -3.00
CA TYR C 97 10.43 22.58 -3.63
C TYR C 97 10.54 21.51 -2.56
N LEU C 98 9.66 20.51 -2.64
CA LEU C 98 9.36 19.61 -1.52
C LEU C 98 9.19 18.17 -1.93
N ASP C 99 9.18 17.33 -0.90
CA ASP C 99 9.37 15.89 -0.96
C ASP C 99 8.11 15.13 -0.52
N ASN C 100 7.05 15.87 -0.21
CA ASN C 100 5.92 15.34 0.55
C ASN C 100 4.69 16.08 0.06
N GLU C 101 3.72 15.34 -0.46
CA GLU C 101 2.57 15.93 -1.14
C GLU C 101 1.58 16.62 -0.18
N PRO C 102 1.17 15.94 0.93
CA PRO C 102 0.44 16.62 2.00
C PRO C 102 1.06 17.96 2.42
N ALA C 103 2.39 17.99 2.51
CA ALA C 103 3.12 19.21 2.86
C ALA C 103 3.03 20.27 1.78
N ILE C 104 2.98 19.85 0.52
CA ILE C 104 2.76 20.78 -0.58
C ILE C 104 1.32 21.32 -0.57
N ALA C 105 0.35 20.41 -0.47
CA ALA C 105 -1.06 20.78 -0.49
C ALA C 105 -1.40 21.76 0.63
N VAL C 106 -1.03 21.41 1.86
CA VAL C 106 -1.39 22.24 3.02
C VAL C 106 -0.80 23.64 2.91
N GLY C 107 0.43 23.71 2.41
CA GLY C 107 1.16 24.97 2.23
C GLY C 107 0.55 25.83 1.14
N ARG C 108 0.10 25.19 0.07
CA ARG C 108 -0.50 25.89 -1.06
C ARG C 108 -1.98 26.26 -0.84
N GLU C 109 -2.68 25.47 -0.03
CA GLU C 109 -4.14 25.58 0.07
C GLU C 109 -4.68 26.11 1.41
N LEU C 110 -3.97 25.85 2.52
CA LEU C 110 -4.31 26.39 3.85
C LEU C 110 -3.56 27.69 4.11
N SER C 111 -2.37 27.81 3.54
CA SER C 111 -1.63 29.06 3.53
C SER C 111 -1.36 29.42 2.08
N ALA C 112 -0.23 30.06 1.81
CA ALA C 112 0.12 30.48 0.44
C ALA C 112 1.61 30.32 0.11
N TYR C 113 2.19 29.21 0.53
CA TYR C 113 3.58 28.88 0.19
C TYR C 113 3.70 28.53 -1.29
N PRO C 114 4.68 29.14 -2.00
CA PRO C 114 4.89 28.82 -3.43
C PRO C 114 5.59 27.46 -3.64
N LYS C 115 4.86 26.38 -3.38
CA LYS C 115 5.44 25.02 -3.34
C LYS C 115 5.23 24.18 -4.61
N LYS C 116 6.29 23.49 -5.03
CA LYS C 116 6.28 22.54 -6.15
C LYS C 116 6.95 21.26 -5.65
N LEU C 117 6.84 20.15 -6.40
CA LEU C 117 7.49 18.90 -6.01
C LEU C 117 8.96 18.96 -6.43
N GLY C 118 9.84 18.56 -5.52
CA GLY C 118 11.27 18.53 -5.81
C GLY C 118 11.93 17.56 -4.87
N TYR C 119 13.22 17.29 -5.08
CA TYR C 119 13.91 16.29 -4.27
C TYR C 119 15.15 16.84 -3.58
N PRO C 120 14.95 17.44 -2.39
CA PRO C 120 16.04 17.93 -1.56
C PRO C 120 16.61 16.88 -0.61
N LYS C 121 17.86 17.10 -0.23
CA LYS C 121 18.63 16.21 0.61
C LYS C 121 19.56 17.09 1.41
N LEU C 122 19.43 17.03 2.73
CA LEU C 122 20.39 17.65 3.64
C LEU C 122 21.17 16.56 4.36
N PHE C 123 22.48 16.60 4.26
CA PHE C 123 23.29 15.58 4.92
C PHE C 123 24.70 16.08 5.21
N VAL C 124 25.42 15.39 6.09
CA VAL C 124 26.81 15.70 6.33
C VAL C 124 27.73 14.70 5.62
N ASP C 125 28.51 15.25 4.69
CA ASP C 125 29.45 14.46 3.93
C ASP C 125 30.78 14.51 4.66
N SER C 126 30.88 13.80 5.78
CA SER C 126 32.07 13.78 6.63
C SER C 126 32.39 15.16 7.23
N ASP C 127 33.00 15.99 6.37
CA ASP C 127 33.50 17.35 6.61
C ASP C 127 32.42 18.41 6.71
N THR C 128 31.43 18.27 5.84
CA THR C 128 30.71 19.39 5.27
C THR C 128 29.21 19.17 5.39
N LEU C 129 28.49 20.21 5.75
CA LEU C 129 27.03 20.14 5.66
C LEU C 129 26.67 20.32 4.18
N VAL C 130 26.06 19.30 3.60
CA VAL C 130 25.66 19.34 2.20
C VAL C 130 24.13 19.42 2.07
N GLY C 131 23.66 20.38 1.31
CA GLY C 131 22.26 20.43 0.94
C GLY C 131 22.13 20.44 -0.57
N THR C 132 21.35 19.52 -1.11
CA THR C 132 21.10 19.48 -2.56
C THR C 132 19.61 19.55 -2.92
N LEU C 133 19.33 20.02 -4.13
CA LEU C 133 17.97 20.05 -4.68
C LEU C 133 17.99 19.50 -6.10
N ASP C 134 17.09 18.56 -6.37
CA ASP C 134 16.81 18.10 -7.70
C ASP C 134 15.40 18.50 -8.06
N TYR C 135 15.20 18.89 -9.33
CA TYR C 135 13.88 18.93 -9.91
C TYR C 135 13.83 17.80 -10.91
N GLY C 136 12.84 16.93 -10.77
CA GLY C 136 12.83 15.65 -11.48
C GLY C 136 14.15 14.94 -11.26
N LYS C 137 14.80 14.59 -12.37
CA LYS C 137 16.07 13.86 -12.35
C LYS C 137 17.28 14.78 -12.32
N LEU C 138 17.03 16.09 -12.47
CA LEU C 138 18.10 17.05 -12.68
C LEU C 138 18.47 17.83 -11.43
N ARG C 139 19.78 17.93 -11.20
CA ARG C 139 20.34 18.70 -10.11
C ARG C 139 20.20 20.21 -10.36
N VAL C 140 19.66 20.95 -9.39
CA VAL C 140 19.55 22.40 -9.59
C VAL C 140 20.33 23.25 -8.58
N ALA C 141 20.61 22.67 -7.42
CA ALA C 141 21.30 23.41 -6.36
C ALA C 141 22.15 22.51 -5.46
N THR C 142 23.38 22.94 -5.19
CA THR C 142 24.27 22.25 -4.24
C THR C 142 24.87 23.25 -3.25
N ALA C 143 24.46 23.16 -1.99
CA ALA C 143 24.87 24.04 -0.90
C ALA C 143 25.87 23.35 0.03
N THR C 144 26.90 24.09 0.42
CA THR C 144 27.97 23.52 1.30
C THR C 144 28.34 24.44 2.46
N MET C 145 28.62 23.85 3.60
CA MET C 145 29.07 24.61 4.75
C MET C 145 30.12 23.80 5.49
N GLY C 146 31.17 24.47 5.95
CA GLY C 146 32.11 23.84 6.88
C GLY C 146 31.31 23.52 8.13
N TYR C 147 31.30 22.24 8.50
CA TYR C 147 30.42 21.74 9.53
C TYR C 147 30.56 22.46 10.87
N LYS C 148 29.51 23.16 11.29
CA LYS C 148 29.42 23.80 12.60
C LYS C 148 30.70 24.52 13.02
N HIS C 149 31.26 25.30 12.09
CA HIS C 149 32.55 25.97 12.30
C HIS C 149 32.52 27.08 13.35
N LYS C 150 31.42 27.85 13.40
CA LYS C 150 31.27 28.91 14.39
C LYS C 150 29.86 28.98 14.94
N ALA C 151 29.74 29.10 16.27
CA ALA C 151 28.46 29.23 16.95
C ALA C 151 27.80 30.57 16.66
N LEU C 152 26.50 30.56 16.44
CA LEU C 152 25.73 31.79 16.30
C LEU C 152 24.96 32.10 17.57
N ASP C 153 24.60 33.36 17.75
CA ASP C 153 23.72 33.77 18.82
C ASP C 153 22.34 33.14 18.59
N ALA C 154 21.91 32.28 19.52
CA ALA C 154 20.62 31.59 19.40
C ALA C 154 19.40 32.53 19.36
N ASN C 155 19.46 33.62 20.13
CA ASN C 155 18.40 34.65 20.11
C ASN C 155 18.33 35.36 18.77
N GLU C 156 19.50 35.56 18.16
CA GLU C 156 19.59 36.19 16.83
C GLU C 156 19.05 35.25 15.75
N ALA C 157 19.24 33.94 15.97
CA ALA C 157 18.66 32.90 15.12
C ALA C 157 17.13 32.85 15.24
N LYS C 158 16.61 32.95 16.46
CA LYS C 158 15.18 33.02 16.70
C LYS C 158 14.54 34.21 15.97
N ASP C 159 15.20 35.37 16.04
CA ASP C 159 14.75 36.58 15.36
C ASP C 159 14.67 36.38 13.85
N GLN C 160 15.69 35.70 13.28
CA GLN C 160 15.69 35.39 11.84
C GLN C 160 14.53 34.46 11.45
N ILE C 161 14.19 33.53 12.35
CA ILE C 161 13.07 32.60 12.16
C ILE C 161 11.71 33.27 12.39
N CYS C 162 11.66 34.24 13.30
CA CYS C 162 10.41 34.87 13.71
C CYS C 162 9.98 36.09 12.89
N ARG C 163 10.73 36.41 11.84
CA ARG C 163 10.33 37.52 10.96
C ARG C 163 9.14 37.14 10.08
N PRO C 164 8.38 38.16 9.62
CA PRO C 164 7.24 37.94 8.73
C PRO C 164 7.62 37.24 7.42
N ASN C 165 6.72 36.41 6.93
CA ASN C 165 6.89 35.81 5.63
C ASN C 165 5.78 36.31 4.73
N TYR C 166 6.15 36.99 3.65
CA TYR C 166 5.18 37.50 2.69
C TYR C 166 5.00 36.54 1.51
N MET C 167 3.77 36.12 1.28
CA MET C 167 3.45 35.16 0.23
C MET C 167 2.25 35.58 -0.60
N LEU C 168 2.22 35.15 -1.86
CA LEU C 168 1.11 35.43 -2.76
C LEU C 168 0.17 34.25 -2.91
N LYS C 169 -1.06 34.39 -2.42
CA LYS C 169 -2.11 33.42 -2.74
C LYS C 169 -2.75 33.81 -4.05
N ILE C 170 -2.65 32.92 -5.04
CA ILE C 170 -3.21 33.16 -6.37
C ILE C 170 -4.02 31.94 -6.83
N ILE C 171 -5.35 32.08 -6.81
CA ILE C 171 -6.25 31.01 -7.20
C ILE C 171 -7.15 31.47 -8.35
N PRO C 172 -7.12 30.75 -9.49
CA PRO C 172 -7.98 31.12 -10.59
C PRO C 172 -9.43 30.70 -10.34
N ASN C 173 -10.36 31.33 -11.06
CA ASN C 173 -11.71 30.80 -11.22
C ASN C 173 -11.62 29.62 -12.18
N TYR C 174 -12.68 28.82 -12.23
CA TYR C 174 -12.74 27.67 -13.14
C TYR C 174 -12.49 28.08 -14.60
N ASP C 175 -12.75 29.35 -14.92
CA ASP C 175 -12.61 29.82 -16.29
C ASP C 175 -11.24 30.44 -16.60
N GLY C 176 -10.35 30.42 -15.63
CA GLY C 176 -9.02 31.02 -15.78
C GLY C 176 -8.92 32.45 -15.26
N SER C 177 -10.07 33.01 -14.84
CA SER C 177 -10.16 34.35 -14.26
C SER C 177 -9.44 34.42 -12.91
N PRO C 178 -8.92 35.61 -12.56
CA PRO C 178 -8.44 35.83 -11.20
C PRO C 178 -9.61 35.75 -10.22
N ARG C 179 -9.40 35.02 -9.12
CA ARG C 179 -10.43 34.84 -8.09
C ARG C 179 -9.89 35.29 -6.75
N ILE C 180 -8.69 34.82 -6.43
CA ILE C 180 -7.97 35.24 -5.25
C ILE C 180 -6.59 35.64 -5.71
N CYS C 181 -6.23 36.91 -5.51
CA CYS C 181 -4.89 37.39 -5.76
C CYS C 181 -4.48 38.27 -4.59
N GLU C 182 -4.10 37.63 -3.49
CA GLU C 182 -3.83 38.29 -2.23
C GLU C 182 -2.36 38.18 -1.87
N LEU C 183 -1.85 39.20 -1.20
CA LEU C 183 -0.57 39.13 -0.53
C LEU C 183 -0.87 38.87 0.94
N ILE C 184 -0.08 38.01 1.55
CA ILE C 184 -0.36 37.49 2.89
C ILE C 184 0.87 37.60 3.78
N ASN C 185 0.64 37.66 5.09
CA ASN C 185 1.72 37.62 6.08
C ASN C 185 1.56 36.49 7.09
N ALA C 186 2.61 35.68 7.24
CA ALA C 186 2.67 34.68 8.31
C ALA C 186 3.96 34.86 9.13
N LYS C 187 3.79 34.99 10.44
CA LYS C 187 4.91 35.27 11.33
C LYS C 187 4.93 34.25 12.47
N ILE C 188 6.02 33.50 12.55
CA ILE C 188 6.17 32.46 13.59
C ILE C 188 6.27 33.10 14.97
N THR C 189 5.55 32.54 15.94
CA THR C 189 5.63 33.00 17.32
C THR C 189 6.12 31.92 18.27
N ASP C 190 5.65 30.68 18.07
CA ASP C 190 6.03 29.55 18.94
C ASP C 190 7.29 28.85 18.42
N VAL C 191 8.43 29.17 19.04
CA VAL C 191 9.75 28.75 18.56
C VAL C 191 10.67 28.37 19.72
N THR C 192 11.39 27.26 19.56
CA THR C 192 12.54 26.98 20.41
C THR C 192 13.74 26.62 19.55
N VAL C 193 14.78 27.45 19.61
CA VAL C 193 16.03 27.19 18.92
C VAL C 193 16.95 26.33 19.81
N HIS C 194 17.36 25.16 19.31
CA HIS C 194 18.25 24.28 20.06
C HIS C 194 19.74 24.55 19.79
N GLU C 195 20.07 24.85 18.54
CA GLU C 195 21.43 25.31 18.21
C GLU C 195 21.50 26.18 16.94
N ALA C 196 22.58 26.94 16.79
CA ALA C 196 22.78 27.81 15.63
C ALA C 196 24.26 27.92 15.31
N TRP C 197 24.61 27.76 14.03
CA TRP C 197 26.00 27.71 13.59
C TRP C 197 26.20 28.43 12.26
N THR C 198 27.41 28.95 12.06
CA THR C 198 27.90 29.38 10.75
C THR C 198 29.12 28.54 10.40
N GLY C 199 29.72 28.90 9.26
CA GLY C 199 30.93 28.28 8.76
C GLY C 199 31.09 28.82 7.36
N PRO C 200 32.28 28.59 6.75
CA PRO C 200 32.50 28.95 5.34
C PRO C 200 31.45 28.28 4.49
N THR C 201 30.77 29.06 3.66
CA THR C 201 29.56 28.60 2.95
C THR C 201 29.63 28.92 1.46
N ARG C 202 29.20 27.97 0.64
CA ARG C 202 29.08 28.18 -0.80
C ARG C 202 27.75 27.67 -1.36
N LEU C 203 27.38 28.18 -2.53
CA LEU C 203 26.14 27.77 -3.18
C LEU C 203 26.37 27.61 -4.67
N GLN C 204 26.12 26.41 -5.18
CA GLN C 204 26.20 26.18 -6.61
C GLN C 204 24.79 25.95 -7.19
N LEU C 205 24.45 26.74 -8.20
CA LEU C 205 23.14 26.63 -8.84
C LEU C 205 23.29 26.22 -10.30
N PHE C 206 22.26 25.54 -10.81
CA PHE C 206 22.19 25.16 -12.22
C PHE C 206 20.86 25.58 -12.83
N ASP C 207 20.87 25.86 -14.13
CA ASP C 207 19.67 26.30 -14.85
C ASP C 207 18.65 25.18 -15.07
N HIS C 208 17.42 25.45 -14.69
CA HIS C 208 16.32 24.53 -14.98
C HIS C 208 15.04 25.32 -15.22
N ALA C 209 14.39 25.04 -16.35
CA ALA C 209 13.16 25.75 -16.76
C ALA C 209 12.00 25.69 -15.76
N MET C 210 11.89 24.61 -15.01
CA MET C 210 10.78 24.41 -14.08
C MET C 210 11.14 24.64 -12.60
N ALA C 211 12.44 24.75 -12.31
CA ALA C 211 12.93 25.17 -11.00
C ALA C 211 14.03 26.22 -11.19
N PRO C 212 13.65 27.43 -11.67
CA PRO C 212 14.64 28.41 -12.10
C PRO C 212 15.25 29.26 -11.00
N LEU C 213 15.82 28.60 -9.99
CA LEU C 213 16.54 29.30 -8.91
C LEU C 213 17.69 30.17 -9.44
N ASN C 214 18.30 29.73 -10.53
CA ASN C 214 19.46 30.40 -11.10
C ASN C 214 19.09 31.62 -11.95
N ASP C 215 17.79 31.95 -11.99
CA ASP C 215 17.34 33.23 -12.51
C ASP C 215 17.83 34.34 -11.57
N LEU C 216 18.10 33.96 -10.32
CA LEU C 216 18.78 34.81 -9.35
C LEU C 216 20.18 34.24 -9.04
N PRO C 217 21.19 34.56 -9.88
CA PRO C 217 22.56 34.01 -9.76
C PRO C 217 23.29 34.43 -8.49
N VAL C 218 24.16 33.56 -7.98
CA VAL C 218 25.00 33.92 -6.82
C VAL C 218 26.17 34.78 -7.29
N LYS C 219 26.20 36.02 -6.81
CA LYS C 219 27.30 36.93 -7.13
C LYS C 219 28.29 37.06 -5.99
N GLU C 220 27.84 36.75 -4.77
CA GLU C 220 28.63 36.92 -3.56
C GLU C 220 27.84 36.35 -2.38
N ILE C 221 28.50 35.53 -1.57
CA ILE C 221 27.86 34.95 -0.37
C ILE C 221 27.99 35.95 0.77
N VAL C 222 26.85 36.35 1.31
CA VAL C 222 26.80 37.41 2.31
C VAL C 222 26.82 36.86 3.74
N SER C 223 25.93 35.90 4.03
CA SER C 223 25.84 35.29 5.35
C SER C 223 25.24 33.89 5.26
N SER C 224 25.13 33.24 6.41
CA SER C 224 24.74 31.83 6.43
C SER C 224 24.43 31.37 7.85
N SER C 225 23.57 30.36 7.99
CA SER C 225 23.27 29.77 9.29
C SER C 225 22.75 28.33 9.20
N HIS C 226 23.04 27.55 10.23
CA HIS C 226 22.58 26.16 10.36
C HIS C 226 21.87 26.02 11.70
N ILE C 227 20.55 26.00 11.66
CA ILE C 227 19.75 26.09 12.88
C ILE C 227 18.89 24.84 13.08
N LEU C 228 18.96 24.26 14.27
CA LEU C 228 17.96 23.26 14.64
C LEU C 228 17.00 23.87 15.66
N ALA C 229 15.71 23.68 15.41
CA ALA C 229 14.65 24.39 16.13
C ALA C 229 13.32 23.63 16.08
N ASP C 230 12.51 23.81 17.12
CA ASP C 230 11.11 23.40 17.10
C ASP C 230 10.24 24.60 16.77
N ILE C 231 9.31 24.44 15.84
CA ILE C 231 8.34 25.51 15.54
C ILE C 231 6.93 24.97 15.35
N ILE C 232 5.95 25.86 15.49
CA ILE C 232 4.60 25.59 15.04
C ILE C 232 4.29 26.66 14.01
N LEU C 233 4.02 26.25 12.77
CA LEU C 233 3.82 27.21 11.69
C LEU C 233 2.53 28.00 11.89
N PRO C 234 2.59 29.32 11.57
CA PRO C 234 1.58 30.26 12.00
C PRO C 234 0.38 30.42 11.06
N ARG C 235 -0.69 31.00 11.60
CA ARG C 235 -1.87 31.37 10.84
C ARG C 235 -1.48 32.52 9.90
N ALA C 236 -1.91 32.45 8.65
CA ALA C 236 -1.65 33.51 7.69
C ALA C 236 -2.65 34.66 7.89
N GLU C 237 -2.30 35.83 7.33
CA GLU C 237 -3.14 37.02 7.40
C GLU C 237 -3.03 37.83 6.14
N VAL C 238 -4.16 38.07 5.48
CA VAL C 238 -4.17 38.90 4.28
C VAL C 238 -3.79 40.34 4.65
N ILE C 239 -2.84 40.91 3.91
CA ILE C 239 -2.32 42.24 4.19
C ILE C 239 -2.51 43.19 3.00
N TYR C 240 -2.81 42.62 1.84
CA TYR C 240 -3.01 43.39 0.62
C TYR C 240 -3.78 42.55 -0.40
N ASP C 241 -4.91 43.08 -0.86
CA ASP C 241 -5.77 42.41 -1.82
C ASP C 241 -5.66 43.09 -3.18
N TYR C 242 -5.04 42.41 -4.13
CA TYR C 242 -4.83 42.94 -5.49
C TYR C 242 -6.13 43.14 -6.27
N LEU C 243 -7.20 42.51 -5.80
CA LEU C 243 -8.48 42.48 -6.52
C LEU C 243 -9.48 43.56 -6.07
N LYS C 244 -9.48 43.90 -4.78
CA LYS C 244 -10.27 45.02 -4.23
C LYS C 244 -10.41 46.18 -5.21
N MET D 1 9.84 -35.09 -46.09
CA MET D 1 9.61 -36.56 -45.84
C MET D 1 8.42 -37.10 -46.62
N VAL D 2 8.37 -38.43 -46.73
CA VAL D 2 7.35 -39.12 -47.52
C VAL D 2 6.03 -39.27 -46.76
N LYS D 3 4.92 -39.31 -47.51
CA LYS D 3 3.56 -39.44 -46.98
C LYS D 3 3.40 -40.42 -45.80
N ASP D 4 4.01 -41.60 -45.92
CA ASP D 4 3.83 -42.65 -44.91
C ASP D 4 4.66 -42.38 -43.67
N GLU D 5 5.64 -41.50 -43.79
CA GLU D 5 6.46 -41.13 -42.65
C GLU D 5 5.82 -39.96 -41.90
N VAL D 6 5.10 -39.09 -42.60
CA VAL D 6 4.40 -37.99 -41.93
C VAL D 6 3.28 -38.48 -40.99
N ILE D 7 2.53 -39.49 -41.41
CA ILE D 7 1.43 -40.05 -40.60
C ILE D 7 1.95 -40.75 -39.32
N LYS D 8 3.24 -41.08 -39.32
CA LYS D 8 3.90 -41.67 -38.16
C LYS D 8 4.27 -40.66 -37.08
N GLN D 9 4.32 -39.39 -37.45
CA GLN D 9 4.67 -38.32 -36.53
C GLN D 9 3.52 -38.00 -35.56
N ILE D 10 3.85 -37.75 -34.29
CA ILE D 10 2.83 -37.51 -33.24
C ILE D 10 2.26 -36.08 -33.23
N SER D 11 3.09 -35.09 -33.59
CA SER D 11 2.68 -33.68 -33.58
C SER D 11 3.57 -32.84 -34.51
N THR D 12 3.32 -31.53 -34.53
CA THR D 12 4.19 -30.57 -35.23
C THR D 12 4.85 -29.59 -34.24
N PRO D 13 5.92 -28.87 -34.65
CA PRO D 13 6.69 -28.90 -35.91
C PRO D 13 7.04 -30.31 -36.35
N LEU D 14 6.83 -30.59 -37.64
CA LEU D 14 7.03 -31.93 -38.20
C LEU D 14 8.35 -32.63 -37.84
N THR D 15 9.46 -31.91 -37.92
CA THR D 15 10.80 -32.48 -37.66
C THR D 15 11.35 -32.15 -36.26
N SER D 16 10.49 -31.58 -35.42
CA SER D 16 10.82 -31.16 -34.07
C SER D 16 9.54 -30.95 -33.25
N PRO D 17 8.81 -32.04 -32.95
CA PRO D 17 7.44 -31.90 -32.42
C PRO D 17 7.37 -31.16 -31.08
N ALA D 18 6.21 -30.57 -30.81
CA ALA D 18 5.98 -29.87 -29.55
C ALA D 18 6.25 -30.77 -28.36
N PHE D 19 6.03 -32.08 -28.56
CA PHE D 19 6.30 -33.10 -27.53
C PHE D 19 6.70 -34.43 -28.18
N PRO D 20 7.46 -35.28 -27.45
CA PRO D 20 7.75 -36.61 -27.98
C PRO D 20 6.64 -37.61 -27.63
N ARG D 21 6.73 -38.83 -28.17
CA ARG D 21 5.88 -39.96 -27.76
C ARG D 21 6.25 -40.40 -26.34
N GLY D 22 5.26 -40.79 -25.55
CA GLY D 22 5.52 -41.28 -24.20
C GLY D 22 5.98 -42.73 -24.18
N PRO D 23 5.86 -43.41 -23.03
CA PRO D 23 5.26 -42.93 -21.79
C PRO D 23 6.06 -41.81 -21.14
N TYR D 24 5.37 -40.97 -20.38
CA TYR D 24 6.04 -39.87 -19.66
C TYR D 24 6.17 -40.25 -18.21
N LYS D 25 7.40 -40.54 -17.80
CA LYS D 25 7.66 -41.06 -16.47
C LYS D 25 8.04 -39.96 -15.51
N PHE D 26 7.17 -39.75 -14.52
CA PHE D 26 7.34 -38.69 -13.55
C PHE D 26 8.04 -39.27 -12.34
N HIS D 27 9.35 -39.08 -12.28
CA HIS D 27 10.14 -39.52 -11.15
C HIS D 27 10.26 -38.37 -10.16
N ASN D 28 9.92 -38.65 -8.90
CA ASN D 28 9.96 -37.66 -7.83
C ASN D 28 9.08 -36.44 -8.10
N ARG D 29 7.83 -36.69 -8.48
CA ARG D 29 6.81 -35.67 -8.51
C ARG D 29 6.46 -35.32 -7.06
N GLU D 30 6.59 -34.04 -6.73
CA GLU D 30 6.33 -33.56 -5.38
C GLU D 30 5.01 -32.80 -5.39
N TYR D 31 4.02 -33.31 -4.67
CA TYR D 31 2.71 -32.67 -4.53
C TYR D 31 2.63 -31.81 -3.28
N PHE D 32 1.97 -30.67 -3.42
CA PHE D 32 1.53 -29.88 -2.31
C PHE D 32 0.06 -29.56 -2.60
N ASN D 33 -0.83 -30.35 -1.96
CA ASN D 33 -2.27 -30.26 -2.12
C ASN D 33 -2.94 -29.54 -0.97
N ILE D 34 -4.01 -28.78 -1.27
CA ILE D 34 -4.75 -28.06 -0.25
C ILE D 34 -6.25 -28.12 -0.54
N VAL D 35 -6.98 -28.89 0.26
CA VAL D 35 -8.43 -29.00 0.10
C VAL D 35 -9.09 -27.91 0.91
N TYR D 36 -9.84 -27.06 0.23
CA TYR D 36 -10.53 -26.00 0.94
C TYR D 36 -11.99 -25.85 0.49
N ARG D 37 -12.78 -25.28 1.38
CA ARG D 37 -14.19 -25.02 1.13
C ARG D 37 -14.31 -23.63 0.50
N THR D 38 -15.21 -23.50 -0.47
CA THR D 38 -15.44 -22.24 -1.19
C THR D 38 -16.95 -21.89 -1.23
N ASP D 39 -17.30 -20.78 -1.87
CA ASP D 39 -18.69 -20.47 -2.21
C ASP D 39 -19.28 -21.57 -3.08
N MET D 40 -20.48 -22.04 -2.73
CA MET D 40 -21.18 -23.01 -3.55
C MET D 40 -21.61 -22.40 -4.88
N ASP D 41 -22.13 -21.18 -4.82
CA ASP D 41 -22.62 -20.48 -6.00
C ASP D 41 -21.53 -20.27 -7.05
N ALA D 42 -20.35 -19.84 -6.59
CA ALA D 42 -19.17 -19.70 -7.44
C ALA D 42 -18.68 -21.04 -8.01
N LEU D 43 -18.70 -22.10 -7.18
CA LEU D 43 -18.26 -23.43 -7.61
C LEU D 43 -19.19 -23.97 -8.70
N ARG D 44 -20.50 -23.87 -8.45
CA ARG D 44 -21.55 -24.36 -9.34
C ARG D 44 -21.47 -23.78 -10.75
N LYS D 45 -21.12 -22.51 -10.84
CA LYS D 45 -20.97 -21.82 -12.12
C LYS D 45 -19.83 -22.41 -12.97
N VAL D 46 -18.83 -22.95 -12.27
CA VAL D 46 -17.57 -23.37 -12.88
C VAL D 46 -17.55 -24.85 -13.32
N VAL D 47 -18.24 -25.71 -12.58
CA VAL D 47 -18.27 -27.16 -12.84
C VAL D 47 -19.27 -27.47 -13.96
N PRO D 48 -18.84 -28.20 -15.00
CA PRO D 48 -19.79 -28.46 -16.07
C PRO D 48 -20.70 -29.66 -15.81
N GLU D 49 -21.99 -29.51 -16.13
CA GLU D 49 -22.91 -30.63 -16.14
C GLU D 49 -22.45 -31.61 -17.21
N PRO D 50 -22.62 -32.93 -16.97
CA PRO D 50 -23.43 -33.56 -15.93
C PRO D 50 -22.71 -33.89 -14.61
N LEU D 51 -21.56 -33.26 -14.36
CA LEU D 51 -20.82 -33.50 -13.11
C LEU D 51 -21.57 -32.91 -11.93
N GLU D 52 -21.52 -33.61 -10.79
CA GLU D 52 -22.27 -33.20 -9.61
C GLU D 52 -21.36 -32.82 -8.43
N ILE D 53 -21.79 -31.79 -7.70
CA ILE D 53 -21.09 -31.33 -6.52
C ILE D 53 -21.80 -31.82 -5.25
N ASP D 54 -21.01 -32.33 -4.31
CA ASP D 54 -21.48 -32.62 -2.96
C ASP D 54 -21.23 -31.39 -2.08
N GLU D 55 -20.13 -31.40 -1.31
CA GLU D 55 -19.70 -30.22 -0.54
C GLU D 55 -18.93 -29.25 -1.44
N PRO D 56 -19.04 -27.93 -1.18
CA PRO D 56 -18.35 -26.94 -2.04
C PRO D 56 -16.84 -26.93 -1.84
N LEU D 57 -16.15 -27.97 -2.31
CA LEU D 57 -14.72 -28.12 -2.09
C LEU D 57 -13.87 -27.87 -3.33
N VAL D 58 -12.64 -27.40 -3.07
CA VAL D 58 -11.63 -27.18 -4.10
C VAL D 58 -10.31 -27.77 -3.61
N ARG D 59 -9.62 -28.48 -4.50
CA ARG D 59 -8.28 -28.95 -4.19
C ARG D 59 -7.27 -28.08 -4.94
N PHE D 60 -6.62 -27.18 -4.22
CA PHE D 60 -5.50 -26.42 -4.78
C PHE D 60 -4.29 -27.34 -4.86
N GLU D 61 -3.52 -27.19 -5.94
CA GLU D 61 -2.37 -28.04 -6.17
C GLU D 61 -1.17 -27.24 -6.61
N ILE D 62 -0.01 -27.64 -6.11
CA ILE D 62 1.26 -27.28 -6.73
C ILE D 62 2.14 -28.52 -6.79
N MET D 63 2.70 -28.78 -7.97
CA MET D 63 3.48 -29.98 -8.24
C MET D 63 4.85 -29.64 -8.81
N ALA D 64 5.90 -29.97 -8.06
CA ALA D 64 7.26 -29.89 -8.58
C ALA D 64 7.58 -31.17 -9.35
N MET D 65 7.86 -31.02 -10.65
CA MET D 65 8.26 -32.14 -11.49
C MET D 65 9.77 -32.16 -11.67
N HIS D 66 10.46 -32.70 -10.68
CA HIS D 66 11.92 -32.72 -10.64
C HIS D 66 12.55 -33.44 -11.82
N ASP D 67 11.88 -34.48 -12.31
CA ASP D 67 12.49 -35.36 -13.30
C ASP D 67 11.44 -36.11 -14.11
N THR D 68 10.92 -35.45 -15.16
CA THR D 68 9.91 -36.02 -16.04
C THR D 68 10.48 -36.36 -17.41
N SER D 69 10.45 -37.65 -17.76
CA SER D 69 10.99 -38.12 -19.03
C SER D 69 10.15 -37.62 -20.20
N GLY D 70 10.82 -37.22 -21.27
CA GLY D 70 10.19 -36.60 -22.43
C GLY D 70 9.96 -35.12 -22.24
N LEU D 71 9.68 -34.69 -21.01
CA LEU D 71 9.17 -33.33 -20.79
C LEU D 71 10.18 -32.36 -20.17
N GLY D 72 10.83 -32.79 -19.09
CA GLY D 72 11.86 -31.98 -18.45
C GLY D 72 11.65 -31.78 -16.96
N CYS D 73 12.15 -30.66 -16.45
CA CYS D 73 12.04 -30.30 -15.04
C CYS D 73 11.28 -28.99 -14.91
N TYR D 74 10.10 -29.06 -14.31
CA TYR D 74 9.18 -27.92 -14.28
C TYR D 74 8.24 -27.98 -13.08
N THR D 75 7.44 -26.92 -12.92
CA THR D 75 6.49 -26.81 -11.80
C THR D 75 5.08 -26.51 -12.33
N GLU D 76 4.08 -26.91 -11.56
CA GLU D 76 2.70 -26.87 -12.01
C GLU D 76 1.84 -26.48 -10.82
N SER D 77 0.82 -25.68 -11.05
CA SER D 77 -0.09 -25.28 -9.99
C SER D 77 -1.48 -25.01 -10.52
N GLY D 78 -2.50 -25.30 -9.72
CA GLY D 78 -3.86 -25.03 -10.14
C GLY D 78 -4.93 -25.58 -9.22
N GLN D 79 -6.13 -25.71 -9.76
CA GLN D 79 -7.30 -26.15 -9.00
C GLN D 79 -7.98 -27.36 -9.64
N ALA D 80 -8.25 -28.37 -8.83
CA ALA D 80 -9.08 -29.49 -9.21
C ALA D 80 -10.29 -29.48 -8.29
N ILE D 81 -11.46 -29.88 -8.80
CA ILE D 81 -12.68 -29.85 -8.01
C ILE D 81 -13.23 -31.26 -7.75
N PRO D 82 -13.32 -31.66 -6.46
CA PRO D 82 -13.99 -32.91 -6.12
C PRO D 82 -15.41 -32.95 -6.67
N VAL D 83 -15.70 -33.96 -7.50
CA VAL D 83 -17.02 -34.13 -8.11
C VAL D 83 -17.46 -35.59 -8.15
N SER D 84 -18.51 -35.82 -8.92
CA SER D 84 -19.07 -37.14 -9.11
C SER D 84 -19.63 -37.25 -10.53
N PHE D 85 -19.38 -38.38 -11.17
CA PHE D 85 -19.98 -38.70 -12.47
C PHE D 85 -20.65 -40.05 -12.36
N ASN D 86 -21.98 -40.05 -12.41
CA ASN D 86 -22.79 -41.24 -12.19
C ASN D 86 -22.42 -41.95 -10.89
N GLY D 87 -22.20 -41.15 -9.83
CA GLY D 87 -21.84 -41.70 -8.52
C GLY D 87 -20.36 -41.83 -8.25
N VAL D 88 -19.55 -41.99 -9.32
CA VAL D 88 -18.10 -42.20 -9.17
C VAL D 88 -17.34 -40.90 -8.88
N LYS D 89 -16.75 -40.85 -7.69
CA LYS D 89 -16.02 -39.69 -7.21
C LYS D 89 -14.65 -39.54 -7.85
N GLY D 90 -14.34 -38.33 -8.30
CA GLY D 90 -13.06 -38.01 -8.89
C GLY D 90 -12.85 -36.50 -8.85
N ASP D 91 -11.76 -36.05 -9.44
CA ASP D 91 -11.46 -34.62 -9.51
C ASP D 91 -11.74 -34.08 -10.92
N TYR D 92 -12.59 -33.05 -11.01
CA TYR D 92 -12.70 -32.30 -12.25
C TYR D 92 -11.55 -31.30 -12.30
N LEU D 93 -10.81 -31.30 -13.41
CA LEU D 93 -9.67 -30.41 -13.56
C LEU D 93 -10.13 -29.07 -14.14
N HIS D 94 -10.07 -28.06 -13.28
CA HIS D 94 -10.64 -26.73 -13.53
C HIS D 94 -9.65 -25.83 -14.28
N MET D 95 -8.46 -25.65 -13.74
CA MET D 95 -7.38 -24.93 -14.41
C MET D 95 -6.03 -25.26 -13.81
N MET D 96 -5.01 -25.27 -14.67
CA MET D 96 -3.62 -25.48 -14.21
C MET D 96 -2.60 -24.71 -15.04
N TYR D 97 -1.51 -24.30 -14.39
CA TYR D 97 -0.55 -23.35 -14.95
C TYR D 97 0.85 -23.87 -14.74
N LEU D 98 1.62 -23.93 -15.82
CA LEU D 98 2.99 -24.48 -15.78
C LEU D 98 3.99 -23.80 -16.71
N ASP D 99 5.28 -23.98 -16.40
CA ASP D 99 6.37 -23.23 -17.05
C ASP D 99 7.17 -24.06 -18.05
N ASN D 100 6.50 -25.01 -18.69
CA ASN D 100 7.15 -25.91 -19.63
C ASN D 100 6.18 -26.15 -20.77
N GLU D 101 6.55 -25.71 -21.97
CA GLU D 101 5.69 -25.77 -23.14
C GLU D 101 5.38 -27.17 -23.68
N PRO D 102 6.41 -28.05 -23.81
CA PRO D 102 6.09 -29.44 -24.16
C PRO D 102 5.05 -30.10 -23.26
N ALA D 103 5.13 -29.82 -21.96
CA ALA D 103 4.16 -30.35 -21.01
C ALA D 103 2.78 -29.72 -21.16
N ILE D 104 2.74 -28.42 -21.50
CA ILE D 104 1.48 -27.74 -21.81
C ILE D 104 0.81 -28.38 -23.03
N ALA D 105 1.58 -28.55 -24.11
CA ALA D 105 1.05 -29.04 -25.37
C ALA D 105 0.69 -30.53 -25.34
N VAL D 106 1.53 -31.37 -24.72
CA VAL D 106 1.20 -32.78 -24.55
C VAL D 106 -0.13 -32.95 -23.80
N GLY D 107 -0.28 -32.24 -22.68
CA GLY D 107 -1.49 -32.31 -21.86
C GLY D 107 -2.74 -31.82 -22.55
N ARG D 108 -2.63 -30.73 -23.28
CA ARG D 108 -3.75 -30.13 -24.00
C ARG D 108 -4.11 -30.92 -25.28
N GLU D 109 -3.11 -31.48 -25.94
CA GLU D 109 -3.31 -32.06 -27.27
C GLU D 109 -3.36 -33.60 -27.32
N LEU D 110 -2.64 -34.27 -26.42
CA LEU D 110 -2.73 -35.74 -26.29
C LEU D 110 -3.88 -36.08 -25.34
N SER D 111 -3.93 -35.40 -24.20
CA SER D 111 -5.04 -35.55 -23.27
C SER D 111 -5.89 -34.29 -23.29
N ALA D 112 -6.45 -33.90 -22.14
CA ALA D 112 -7.33 -32.73 -22.10
C ALA D 112 -7.13 -31.87 -20.85
N TYR D 113 -5.87 -31.70 -20.46
CA TYR D 113 -5.54 -30.90 -19.28
C TYR D 113 -5.75 -29.40 -19.56
N PRO D 114 -6.50 -28.73 -18.66
CA PRO D 114 -6.87 -27.30 -18.78
C PRO D 114 -5.66 -26.39 -18.50
N LYS D 115 -4.68 -26.42 -19.41
CA LYS D 115 -3.35 -25.87 -19.12
C LYS D 115 -3.08 -24.53 -19.78
N LYS D 116 -2.38 -23.68 -19.04
CA LYS D 116 -1.94 -22.37 -19.52
C LYS D 116 -0.49 -22.19 -19.06
N LEU D 117 0.16 -21.12 -19.51
CA LEU D 117 1.52 -20.85 -19.07
C LEU D 117 1.48 -20.05 -17.76
N GLY D 118 2.36 -20.39 -16.83
CA GLY D 118 2.39 -19.76 -15.52
C GLY D 118 3.72 -20.10 -14.88
N TYR D 119 4.02 -19.45 -13.76
CA TYR D 119 5.33 -19.61 -13.11
C TYR D 119 5.23 -20.02 -11.64
N PRO D 120 5.01 -21.32 -11.39
CA PRO D 120 4.96 -21.78 -10.01
C PRO D 120 6.35 -22.10 -9.44
N LYS D 121 6.49 -22.10 -8.12
CA LYS D 121 7.72 -22.50 -7.44
C LYS D 121 7.34 -23.23 -6.17
N LEU D 122 8.03 -24.33 -5.90
CA LEU D 122 7.93 -25.03 -4.63
C LEU D 122 9.32 -25.07 -3.98
N PHE D 123 9.37 -24.67 -2.71
CA PHE D 123 10.61 -24.67 -1.95
C PHE D 123 10.32 -24.68 -0.47
N VAL D 124 11.34 -24.87 0.33
CA VAL D 124 11.20 -24.82 1.77
C VAL D 124 11.82 -23.52 2.26
N ASP D 125 11.05 -22.77 3.04
CA ASP D 125 11.50 -21.50 3.61
C ASP D 125 11.88 -21.71 5.06
N SER D 126 13.04 -22.35 5.26
CA SER D 126 13.53 -22.82 6.56
C SER D 126 12.60 -23.82 7.24
N ASP D 127 11.51 -23.32 7.84
CA ASP D 127 10.59 -24.15 8.62
C ASP D 127 9.24 -24.39 7.93
N THR D 128 9.05 -23.78 6.75
CA THR D 128 7.76 -23.79 6.08
C THR D 128 7.95 -24.22 4.64
N LEU D 129 7.16 -25.22 4.22
CA LEU D 129 7.02 -25.55 2.81
C LEU D 129 6.18 -24.46 2.13
N VAL D 130 6.74 -23.82 1.10
CA VAL D 130 6.12 -22.70 0.41
C VAL D 130 5.89 -23.02 -1.06
N GLY D 131 4.63 -22.88 -1.50
CA GLY D 131 4.32 -22.94 -2.92
C GLY D 131 3.77 -21.62 -3.44
N THR D 132 4.42 -21.07 -4.45
CA THR D 132 3.89 -19.86 -5.11
C THR D 132 3.48 -20.12 -6.57
N LEU D 133 2.54 -19.32 -7.08
CA LEU D 133 2.17 -19.31 -8.49
C LEU D 133 2.11 -17.86 -8.98
N ASP D 134 2.81 -17.58 -10.06
CA ASP D 134 2.67 -16.33 -10.78
C ASP D 134 2.01 -16.58 -12.14
N TYR D 135 1.28 -15.58 -12.62
CA TYR D 135 0.89 -15.51 -14.02
C TYR D 135 1.53 -14.24 -14.57
N GLY D 136 2.40 -14.39 -15.56
CA GLY D 136 3.22 -13.27 -16.00
C GLY D 136 4.09 -12.83 -14.84
N LYS D 137 4.06 -11.54 -14.53
CA LYS D 137 4.85 -10.94 -13.45
C LYS D 137 4.07 -10.82 -12.14
N LEU D 138 2.80 -11.23 -12.14
CA LEU D 138 1.91 -11.05 -10.99
C LEU D 138 1.69 -12.32 -10.19
N ARG D 139 1.81 -12.16 -8.87
CA ARG D 139 1.52 -13.24 -7.93
C ARG D 139 0.02 -13.46 -7.82
N VAL D 140 -0.37 -14.74 -7.80
CA VAL D 140 -1.79 -15.08 -7.72
C VAL D 140 -2.08 -16.09 -6.58
N ALA D 141 -1.08 -16.89 -6.20
CA ALA D 141 -1.25 -17.81 -5.07
C ALA D 141 0.02 -18.01 -4.25
N THR D 142 -0.15 -18.06 -2.93
CA THR D 142 0.92 -18.35 -1.98
C THR D 142 0.43 -19.38 -0.93
N ALA D 143 0.93 -20.61 -1.05
CA ALA D 143 0.55 -21.70 -0.17
C ALA D 143 1.67 -22.03 0.82
N THR D 144 1.30 -22.17 2.09
CA THR D 144 2.24 -22.44 3.15
C THR D 144 1.84 -23.68 3.93
N MET D 145 2.82 -24.48 4.31
CA MET D 145 2.59 -25.58 5.23
C MET D 145 3.75 -25.73 6.21
N GLY D 146 3.42 -25.90 7.48
CA GLY D 146 4.40 -26.33 8.48
C GLY D 146 5.07 -27.61 7.98
N TYR D 147 6.40 -27.59 7.96
CA TYR D 147 7.17 -28.63 7.29
C TYR D 147 7.09 -30.01 7.95
N LYS D 148 6.46 -30.95 7.23
CA LYS D 148 6.39 -32.37 7.62
C LYS D 148 6.09 -32.59 9.09
N HIS D 149 5.04 -31.93 9.59
CA HIS D 149 4.67 -32.00 11.01
C HIS D 149 4.05 -33.33 11.40
N LYS D 150 3.26 -33.91 10.51
CA LYS D 150 2.57 -35.16 10.78
C LYS D 150 2.70 -36.07 9.58
N ALA D 151 3.07 -37.32 9.84
CA ALA D 151 3.11 -38.33 8.79
C ALA D 151 1.70 -38.70 8.34
N LEU D 152 1.54 -38.93 7.03
CA LEU D 152 0.30 -39.46 6.49
C LEU D 152 0.47 -40.91 6.04
N ASP D 153 -0.62 -41.66 6.11
CA ASP D 153 -0.70 -42.99 5.55
C ASP D 153 -0.35 -42.94 4.06
N ALA D 154 0.74 -43.62 3.69
CA ALA D 154 1.17 -43.76 2.29
C ALA D 154 0.10 -44.33 1.34
N ASN D 155 -0.70 -45.27 1.84
CA ASN D 155 -1.77 -45.87 1.01
C ASN D 155 -2.94 -44.91 0.77
N GLU D 156 -3.29 -44.14 1.79
CA GLU D 156 -4.26 -43.06 1.62
C GLU D 156 -3.74 -42.00 0.64
N ALA D 157 -2.44 -41.69 0.72
CA ALA D 157 -1.79 -40.81 -0.25
C ALA D 157 -1.88 -41.39 -1.66
N LYS D 158 -1.67 -42.70 -1.78
CA LYS D 158 -1.78 -43.41 -3.04
C LYS D 158 -3.22 -43.33 -3.58
N ASP D 159 -4.21 -43.48 -2.69
CA ASP D 159 -5.62 -43.37 -3.06
C ASP D 159 -6.02 -41.97 -3.52
N GLN D 160 -5.48 -40.93 -2.88
CA GLN D 160 -5.68 -39.53 -3.34
C GLN D 160 -5.17 -39.33 -4.77
N ILE D 161 -3.96 -39.82 -5.04
CA ILE D 161 -3.32 -39.71 -6.35
C ILE D 161 -4.06 -40.49 -7.46
N CYS D 162 -4.64 -41.64 -7.10
CA CYS D 162 -5.18 -42.57 -8.09
C CYS D 162 -6.67 -42.42 -8.41
N ARG D 163 -7.31 -41.39 -7.87
CA ARG D 163 -8.72 -41.14 -8.16
C ARG D 163 -8.92 -40.73 -9.62
N PRO D 164 -10.13 -40.93 -10.17
CA PRO D 164 -10.39 -40.47 -11.53
C PRO D 164 -10.11 -38.97 -11.71
N ASN D 165 -9.57 -38.59 -12.87
CA ASN D 165 -9.44 -37.18 -13.24
C ASN D 165 -10.38 -36.86 -14.38
N TYR D 166 -11.38 -36.05 -14.09
CA TYR D 166 -12.37 -35.65 -15.08
C TYR D 166 -11.92 -34.38 -15.79
N MET D 167 -12.02 -34.39 -17.12
CA MET D 167 -11.55 -33.27 -17.95
C MET D 167 -12.47 -32.98 -19.12
N LEU D 168 -12.50 -31.72 -19.55
CA LEU D 168 -13.14 -31.34 -20.81
C LEU D 168 -12.14 -31.24 -21.95
N LYS D 169 -12.36 -32.02 -23.01
CA LYS D 169 -11.65 -31.84 -24.26
C LYS D 169 -12.49 -30.93 -25.17
N ILE D 170 -11.98 -29.73 -25.46
CA ILE D 170 -12.69 -28.76 -26.29
C ILE D 170 -11.79 -28.22 -27.42
N ILE D 171 -12.01 -28.75 -28.63
CA ILE D 171 -11.27 -28.31 -29.83
C ILE D 171 -12.25 -27.76 -30.87
N PRO D 172 -12.02 -26.52 -31.34
CA PRO D 172 -12.89 -25.95 -32.36
C PRO D 172 -12.53 -26.42 -33.76
N ASN D 173 -13.46 -26.24 -34.70
CA ASN D 173 -13.19 -26.41 -36.12
C ASN D 173 -12.34 -25.25 -36.61
N TYR D 174 -11.95 -25.26 -37.88
CA TYR D 174 -11.21 -24.14 -38.46
C TYR D 174 -12.02 -22.85 -38.48
N ASP D 175 -13.35 -22.99 -38.59
CA ASP D 175 -14.26 -21.85 -38.64
C ASP D 175 -14.72 -21.38 -37.25
N GLY D 176 -14.26 -22.06 -36.19
CA GLY D 176 -14.57 -21.65 -34.83
C GLY D 176 -15.74 -22.40 -34.21
N SER D 177 -16.41 -23.22 -35.00
CA SER D 177 -17.51 -24.06 -34.51
C SER D 177 -16.98 -25.27 -33.74
N PRO D 178 -17.84 -25.93 -32.93
CA PRO D 178 -17.46 -27.12 -32.16
C PRO D 178 -16.96 -28.31 -32.98
N ARG D 179 -15.73 -28.73 -32.73
CA ARG D 179 -15.14 -29.91 -33.38
C ARG D 179 -15.25 -31.08 -32.40
N ILE D 180 -14.56 -30.94 -31.26
CA ILE D 180 -14.71 -31.87 -30.14
C ILE D 180 -15.23 -31.13 -28.92
N CYS D 181 -16.13 -31.78 -28.18
CA CYS D 181 -16.62 -31.28 -26.90
C CYS D 181 -17.05 -32.47 -26.05
N GLU D 182 -16.08 -33.04 -25.33
CA GLU D 182 -16.26 -34.29 -24.60
C GLU D 182 -15.74 -34.19 -23.18
N LEU D 183 -16.39 -34.91 -22.28
CA LEU D 183 -15.86 -35.11 -20.95
C LEU D 183 -15.06 -36.39 -20.99
N ILE D 184 -13.87 -36.37 -20.39
CA ILE D 184 -13.03 -37.58 -20.34
C ILE D 184 -12.62 -37.95 -18.90
N ASN D 185 -12.23 -39.21 -18.73
CA ASN D 185 -11.63 -39.69 -17.50
C ASN D 185 -10.21 -40.16 -17.80
N ALA D 186 -9.26 -39.67 -17.01
CA ALA D 186 -7.92 -40.22 -16.98
C ALA D 186 -7.66 -40.70 -15.56
N LYS D 187 -7.74 -42.00 -15.37
CA LYS D 187 -7.47 -42.60 -14.07
C LYS D 187 -6.01 -43.01 -14.03
N ILE D 188 -5.39 -42.71 -12.91
CA ILE D 188 -3.96 -42.90 -12.76
C ILE D 188 -3.72 -44.14 -11.90
N THR D 189 -2.90 -45.06 -12.41
CA THR D 189 -2.83 -46.42 -11.87
C THR D 189 -1.42 -46.90 -11.53
N ASP D 190 -0.43 -46.31 -12.19
CA ASP D 190 0.96 -46.68 -12.02
C ASP D 190 1.64 -45.64 -11.14
N VAL D 191 1.76 -45.95 -9.85
CA VAL D 191 2.14 -44.97 -8.82
C VAL D 191 2.97 -45.62 -7.72
N THR D 192 4.02 -44.92 -7.26
CA THR D 192 4.77 -45.30 -6.06
C THR D 192 4.91 -44.10 -5.11
N VAL D 193 4.36 -44.23 -3.90
CA VAL D 193 4.43 -43.19 -2.89
C VAL D 193 5.67 -43.39 -2.02
N HIS D 194 6.59 -42.42 -2.03
CA HIS D 194 7.84 -42.52 -1.29
C HIS D 194 7.70 -42.02 0.15
N GLU D 195 6.95 -40.94 0.33
CA GLU D 195 6.63 -40.37 1.63
C GLU D 195 5.39 -39.47 1.53
N ALA D 196 4.72 -39.25 2.65
CA ALA D 196 3.52 -38.40 2.67
C ALA D 196 3.32 -37.74 4.03
N TRP D 197 3.09 -36.43 4.00
CA TRP D 197 3.01 -35.60 5.21
C TRP D 197 1.85 -34.63 5.17
N THR D 198 1.55 -34.06 6.34
CA THR D 198 0.63 -32.94 6.46
C THR D 198 1.10 -31.98 7.57
N GLY D 199 0.36 -30.90 7.78
CA GLY D 199 0.71 -29.92 8.83
C GLY D 199 -0.21 -28.72 8.76
N PRO D 200 0.02 -27.73 9.65
CA PRO D 200 -0.74 -26.48 9.53
C PRO D 200 -0.55 -25.90 8.12
N THR D 201 -1.67 -25.56 7.48
CA THR D 201 -1.72 -25.21 6.06
C THR D 201 -2.66 -24.03 5.82
N ARG D 202 -2.24 -23.15 4.91
CA ARG D 202 -2.96 -21.92 4.65
C ARG D 202 -2.71 -21.57 3.18
N LEU D 203 -3.66 -20.89 2.57
CA LEU D 203 -3.58 -20.57 1.15
C LEU D 203 -3.98 -19.12 0.93
N GLN D 204 -3.08 -18.33 0.35
CA GLN D 204 -3.37 -16.94 0.03
C GLN D 204 -3.52 -16.77 -1.49
N LEU D 205 -4.71 -16.39 -1.95
CA LEU D 205 -4.96 -16.15 -3.37
C LEU D 205 -5.15 -14.66 -3.67
N PHE D 206 -4.78 -14.27 -4.89
CA PHE D 206 -4.96 -12.91 -5.39
C PHE D 206 -5.67 -12.96 -6.74
N ASP D 207 -6.40 -11.89 -7.08
CA ASP D 207 -7.20 -11.83 -8.29
C ASP D 207 -6.37 -11.59 -9.53
N HIS D 208 -6.64 -12.39 -10.58
CA HIS D 208 -6.02 -12.20 -11.87
C HIS D 208 -7.02 -12.64 -12.94
N ALA D 209 -7.20 -11.80 -13.96
CA ALA D 209 -8.20 -12.05 -15.02
C ALA D 209 -7.88 -13.28 -15.88
N MET D 210 -6.59 -13.55 -16.10
CA MET D 210 -6.15 -14.68 -16.93
C MET D 210 -5.75 -15.92 -16.11
N ALA D 211 -5.70 -15.75 -14.79
CA ALA D 211 -5.48 -16.85 -13.85
C ALA D 211 -6.42 -16.71 -12.65
N PRO D 212 -7.76 -16.81 -12.89
CA PRO D 212 -8.78 -16.48 -11.90
C PRO D 212 -9.05 -17.56 -10.85
N LEU D 213 -8.01 -17.93 -10.10
CA LEU D 213 -8.10 -18.95 -9.05
C LEU D 213 -8.96 -18.45 -7.91
N ASN D 214 -8.91 -17.14 -7.68
CA ASN D 214 -9.68 -16.53 -6.60
C ASN D 214 -11.18 -16.37 -6.91
N ASP D 215 -11.62 -16.78 -8.11
CA ASP D 215 -13.05 -16.90 -8.39
C ASP D 215 -13.65 -17.98 -7.50
N LEU D 216 -12.81 -18.89 -7.01
CA LEU D 216 -13.18 -19.81 -5.96
C LEU D 216 -12.41 -19.45 -4.68
N PRO D 217 -12.92 -18.46 -3.91
CA PRO D 217 -12.16 -17.93 -2.78
C PRO D 217 -12.07 -18.94 -1.64
N VAL D 218 -10.99 -18.88 -0.86
CA VAL D 218 -10.83 -19.78 0.29
C VAL D 218 -11.65 -19.31 1.48
N LYS D 219 -12.57 -20.14 1.88
CA LYS D 219 -13.37 -19.83 3.03
C LYS D 219 -12.84 -20.57 4.21
N GLU D 220 -12.44 -21.80 4.00
CA GLU D 220 -11.93 -22.64 5.08
C GLU D 220 -10.98 -23.72 4.56
N ILE D 221 -9.83 -23.86 5.21
CA ILE D 221 -8.91 -24.97 4.94
C ILE D 221 -9.44 -26.23 5.61
N VAL D 222 -9.68 -27.26 4.81
CA VAL D 222 -10.24 -28.53 5.29
C VAL D 222 -9.11 -29.53 5.59
N SER D 223 -8.27 -29.81 4.59
CA SER D 223 -7.11 -30.72 4.74
C SER D 223 -6.01 -30.39 3.73
N SER D 224 -4.87 -31.05 3.85
CA SER D 224 -3.73 -30.83 2.96
C SER D 224 -2.75 -31.99 3.01
N SER D 225 -1.93 -32.12 1.96
CA SER D 225 -0.91 -33.15 1.92
C SER D 225 0.34 -32.75 1.13
N HIS D 226 1.49 -33.23 1.58
CA HIS D 226 2.76 -33.06 0.90
C HIS D 226 3.29 -34.46 0.54
N ILE D 227 3.27 -34.79 -0.74
CA ILE D 227 3.51 -36.18 -1.20
C ILE D 227 4.60 -36.25 -2.25
N LEU D 228 5.61 -37.10 -2.02
CA LEU D 228 6.62 -37.41 -3.03
C LEU D 228 6.34 -38.78 -3.64
N ALA D 229 6.22 -38.82 -4.96
CA ALA D 229 5.75 -40.01 -5.67
C ALA D 229 6.33 -40.13 -7.08
N ASP D 230 6.41 -41.37 -7.59
CA ASP D 230 6.68 -41.64 -9.00
C ASP D 230 5.37 -42.11 -9.60
N ILE D 231 4.99 -41.51 -10.72
CA ILE D 231 3.76 -41.90 -11.42
C ILE D 231 4.03 -41.98 -12.92
N ILE D 232 3.13 -42.63 -13.64
CA ILE D 232 3.14 -42.55 -15.09
C ILE D 232 1.85 -41.86 -15.52
N LEU D 233 1.97 -40.98 -16.51
CA LEU D 233 0.80 -40.29 -17.04
C LEU D 233 -0.17 -41.28 -17.67
N PRO D 234 -1.44 -41.25 -17.24
CA PRO D 234 -2.43 -42.17 -17.81
C PRO D 234 -3.07 -41.64 -19.09
N ARG D 235 -3.61 -42.55 -19.91
CA ARG D 235 -4.36 -42.15 -21.08
C ARG D 235 -5.81 -41.81 -20.70
N ALA D 236 -6.43 -40.94 -21.50
CA ALA D 236 -7.83 -40.53 -21.28
C ALA D 236 -8.85 -41.47 -21.93
N GLU D 237 -10.06 -41.49 -21.38
CA GLU D 237 -11.22 -42.17 -21.96
C GLU D 237 -12.36 -41.17 -22.07
N VAL D 238 -12.99 -41.10 -23.25
CA VAL D 238 -14.22 -40.32 -23.40
C VAL D 238 -15.37 -40.93 -22.55
N ILE D 239 -16.04 -40.10 -21.76
CA ILE D 239 -17.14 -40.57 -20.90
C ILE D 239 -18.48 -39.86 -21.15
N TYR D 240 -18.45 -38.68 -21.78
CA TYR D 240 -19.66 -37.95 -22.15
C TYR D 240 -19.42 -37.04 -23.34
N ASP D 241 -20.17 -37.28 -24.42
CA ASP D 241 -20.10 -36.45 -25.62
C ASP D 241 -21.20 -35.39 -25.60
N TYR D 242 -20.80 -34.11 -25.56
CA TYR D 242 -21.75 -33.00 -25.52
C TYR D 242 -22.38 -32.74 -26.87
N LEU D 243 -21.65 -33.12 -27.93
CA LEU D 243 -22.12 -33.04 -29.30
C LEU D 243 -23.01 -34.26 -29.64
N LYS D 244 -23.72 -34.74 -28.62
CA LYS D 244 -24.66 -35.86 -28.69
C LYS D 244 -24.05 -37.10 -29.37
#